data_8SAB
#
_entry.id   8SAB
#
_cell.length_a   87.325
_cell.length_b   130.522
_cell.length_c   82.366
_cell.angle_alpha   90.00
_cell.angle_beta   103.96
_cell.angle_gamma   90.00
#
_symmetry.space_group_name_H-M   'C 1 2 1'
#
loop_
_entity.id
_entity.type
_entity.pdbx_description
1 polymer 'Cystathionine beta-lyase'
2 non-polymer LYSINE
3 non-polymer "ALANYL-PYRIDOXAL-5'-PHOSPHATE"
4 non-polymer "PYRIDOXAL-5'-PHOSPHATE"
5 non-polymer (4S)-2-METHYL-2,4-PENTANEDIOL
6 non-polymer 2-AMINO-2-HYDROXYMETHYL-PROPANE-1,3-DIOL
7 non-polymer GLYCEROL
8 non-polymer 'PHOSPHATE ION'
9 water water
#
_entity_poly.entity_id   1
_entity_poly.type   'polypeptide(L)'
_entity_poly.pdbx_seq_one_letter_code
;MAHHHHHHMADKHLDTALVNAGRRKKYTQGSVNSVIQRASSLVFDTVEAKKHATRNRAKGELFYGRRGTLTHFSLQEAMC
ELEGGAGCALFPCGAAAVANTILAFVEQGDHVLMTNTAYEPSQDFCTKILAKLGVTTGWFDPLIGADIANLIQPNTKVVF
LESPGSITMEVHDVPAIVAAVRRVAPEAIIMIDNTWAAGVLFKALDFGIDISIQAATKYLIGHSDGMIGTAVANARCWEQ
LCENAYLMGQMIDADTAYMTSRGLRTLGVRLRQHHESSLRVAEWLAQHPQVARVNHPALPGSKGHEFWKRDFSGSSGLFS
FVLNKRLTDAELAAYLDNFSLFSMAYSWGGFESLILANQPEHIAAIRPEAEVDFSGTLIRLHIGLENVDDLLADLAAGFA
RIV
;
_entity_poly.pdbx_strand_id   A,B
#
# COMPACT_ATOMS: atom_id res chain seq x y z
N LYS A 12 13.74 -14.98 -2.46
CA LYS A 12 14.91 -14.13 -2.40
C LYS A 12 14.78 -12.90 -3.30
N HIS A 13 13.86 -12.96 -4.27
CA HIS A 13 13.77 -11.92 -5.28
C HIS A 13 12.35 -11.45 -5.60
N LEU A 14 11.32 -12.06 -5.03
CA LEU A 14 9.96 -11.66 -5.37
C LEU A 14 9.71 -10.20 -5.04
N ASP A 15 10.18 -9.74 -3.89
CA ASP A 15 9.96 -8.34 -3.50
C ASP A 15 10.60 -7.38 -4.49
N THR A 16 11.80 -7.70 -4.97
CA THR A 16 12.43 -6.86 -5.98
C THR A 16 11.64 -6.91 -7.28
N ALA A 17 11.17 -8.09 -7.67
CA ALA A 17 10.37 -8.22 -8.88
C ALA A 17 9.07 -7.44 -8.77
N LEU A 18 8.39 -7.52 -7.62
CA LEU A 18 7.13 -6.80 -7.46
C LEU A 18 7.33 -5.29 -7.61
N VAL A 19 8.44 -4.78 -7.07
CA VAL A 19 8.70 -3.34 -7.14
C VAL A 19 8.96 -2.90 -8.58
N ASN A 20 9.55 -3.76 -9.40
CA ASN A 20 10.03 -3.35 -10.71
C ASN A 20 9.16 -3.81 -11.87
N ALA A 21 8.23 -4.74 -11.64
CA ALA A 21 7.50 -5.37 -12.72
C ALA A 21 6.73 -4.36 -13.56
N GLY A 22 6.88 -4.48 -14.89
CA GLY A 22 6.15 -3.65 -15.83
C GLY A 22 6.67 -2.24 -16.01
N ARG A 23 7.73 -1.86 -15.31
CA ARG A 23 8.20 -0.47 -15.32
C ARG A 23 9.31 -0.35 -16.36
N ARG A 24 8.93 0.14 -17.54
CA ARG A 24 9.84 0.52 -18.61
C ARG A 24 9.58 1.98 -18.96
N LYS A 25 10.62 2.67 -19.43
CA LYS A 25 10.52 4.09 -19.69
C LYS A 25 9.39 4.43 -20.65
N LYS A 26 9.12 3.56 -21.63
N LYS A 26 9.13 3.56 -21.63
CA LYS A 26 8.04 3.90 -22.54
CA LYS A 26 8.03 3.79 -22.56
C LYS A 26 6.70 4.02 -21.82
C LYS A 26 6.72 4.01 -21.82
N TYR A 27 6.56 3.37 -20.66
CA TYR A 27 5.32 3.46 -19.88
C TYR A 27 5.39 4.49 -18.76
N THR A 28 6.58 4.71 -18.19
CA THR A 28 6.72 5.58 -17.04
C THR A 28 7.10 7.00 -17.39
N GLN A 29 7.90 7.18 -18.45
CA GLN A 29 8.18 8.50 -19.02
C GLN A 29 8.76 9.46 -17.98
N GLY A 30 9.52 8.94 -17.03
CA GLY A 30 10.19 9.75 -16.03
C GLY A 30 9.69 9.56 -14.62
N SER A 31 8.47 9.06 -14.43
CA SER A 31 7.99 8.86 -13.08
C SER A 31 8.28 7.43 -12.63
N VAL A 32 8.07 7.20 -11.34
CA VAL A 32 8.27 5.85 -10.81
C VAL A 32 7.18 4.91 -11.31
N ASN A 33 5.94 5.37 -11.26
CA ASN A 33 4.79 4.59 -11.71
C ASN A 33 4.53 4.86 -13.18
N SER A 34 3.80 3.95 -13.82
N SER A 34 3.77 3.96 -13.81
CA SER A 34 3.40 4.19 -15.20
CA SER A 34 3.38 4.16 -15.20
C SER A 34 2.53 5.44 -15.26
C SER A 34 2.43 5.37 -15.30
N VAL A 35 2.52 6.08 -16.43
CA VAL A 35 1.57 7.15 -16.66
C VAL A 35 0.17 6.53 -16.74
N ILE A 36 -0.83 7.36 -16.50
N ILE A 36 -0.83 7.36 -16.51
CA ILE A 36 -2.23 7.00 -16.74
CA ILE A 36 -2.23 6.99 -16.72
C ILE A 36 -2.61 7.64 -18.07
C ILE A 36 -2.66 7.63 -18.04
N GLN A 37 -2.83 6.80 -19.07
CA GLN A 37 -3.23 7.25 -20.40
C GLN A 37 -4.69 6.84 -20.55
N ARG A 38 -5.58 7.82 -20.43
CA ARG A 38 -7.01 7.60 -20.60
C ARG A 38 -7.33 7.83 -22.06
N ALA A 39 -7.91 6.82 -22.72
CA ALA A 39 -8.13 6.99 -24.15
C ALA A 39 -9.07 5.93 -24.69
N SER A 40 -9.98 6.35 -25.56
CA SER A 40 -10.55 5.46 -26.57
C SER A 40 -9.76 5.68 -27.85
N SER A 41 -9.94 6.85 -28.47
CA SER A 41 -9.17 7.21 -29.66
C SER A 41 -7.67 7.21 -29.39
N LEU A 42 -6.91 6.55 -30.25
CA LEU A 42 -5.46 6.64 -30.28
C LEU A 42 -5.05 7.07 -31.69
N VAL A 43 -4.25 8.11 -31.77
CA VAL A 43 -4.04 8.84 -33.02
C VAL A 43 -2.91 8.21 -33.81
N PHE A 44 -3.13 8.02 -35.10
CA PHE A 44 -2.11 7.58 -36.04
C PHE A 44 -1.62 8.79 -36.84
N ASP A 45 -0.32 9.01 -36.84
CA ASP A 45 0.21 10.17 -37.55
C ASP A 45 0.23 9.98 -39.05
N THR A 46 0.28 8.74 -39.53
CA THR A 46 0.35 8.46 -40.95
C THR A 46 -0.37 7.15 -41.22
N VAL A 47 -0.66 6.91 -42.49
CA VAL A 47 -1.22 5.63 -42.90
C VAL A 47 -0.28 4.50 -42.53
N GLU A 48 1.03 4.67 -42.72
CA GLU A 48 1.95 3.61 -42.37
C GLU A 48 1.93 3.33 -40.88
N ALA A 49 1.83 4.39 -40.05
CA ALA A 49 1.73 4.17 -38.62
C ALA A 49 0.45 3.39 -38.28
N LYS A 50 -0.64 3.70 -38.98
CA LYS A 50 -1.88 2.99 -38.72
C LYS A 50 -1.77 1.52 -39.10
N LYS A 51 -1.14 1.22 -40.23
CA LYS A 51 -0.94 -0.17 -40.64
C LYS A 51 -0.11 -0.93 -39.61
N HIS A 52 0.96 -0.30 -39.11
CA HIS A 52 1.82 -0.95 -38.12
C HIS A 52 1.08 -1.18 -36.81
N ALA A 53 0.30 -0.19 -36.37
CA ALA A 53 -0.50 -0.36 -35.16
C ALA A 53 -1.51 -1.49 -35.33
N THR A 54 -2.13 -1.56 -36.50
CA THR A 54 -3.11 -2.62 -36.75
C THR A 54 -2.44 -3.99 -36.66
N ARG A 55 -1.29 -4.16 -37.32
CA ARG A 55 -0.60 -5.44 -37.27
C ARG A 55 -0.29 -5.84 -35.83
N ASN A 56 0.00 -4.87 -34.98
CA ASN A 56 0.54 -5.10 -33.65
C ASN A 56 -0.45 -4.71 -32.57
N ARG A 57 -1.75 -4.77 -32.90
CA ARG A 57 -2.77 -4.26 -31.99
C ARG A 57 -2.97 -5.15 -30.76
N ALA A 58 -2.47 -6.38 -30.77
CA ALA A 58 -2.49 -7.23 -29.58
C ALA A 58 -1.10 -7.40 -28.98
N LYS A 59 -0.10 -6.66 -29.50
CA LYS A 59 1.29 -6.83 -29.12
C LYS A 59 1.90 -5.54 -28.59
N GLY A 60 1.07 -4.67 -28.00
CA GLY A 60 1.61 -3.55 -27.26
C GLY A 60 1.94 -2.32 -28.06
N GLU A 61 1.40 -2.20 -29.27
CA GLU A 61 1.42 -0.95 -30.00
C GLU A 61 0.06 -0.28 -29.85
N LEU A 62 0.08 1.03 -29.60
CA LEU A 62 -1.16 1.77 -29.41
C LEU A 62 -2.02 1.70 -30.67
N PHE A 63 -3.27 1.24 -30.49
CA PHE A 63 -4.17 1.04 -31.62
C PHE A 63 -5.56 1.58 -31.30
N TYR A 64 -6.14 1.11 -30.20
CA TYR A 64 -7.48 1.55 -29.80
C TYR A 64 -7.64 1.22 -28.33
N GLY A 65 -8.37 2.07 -27.61
CA GLY A 65 -8.45 1.95 -26.17
C GLY A 65 -9.00 0.63 -25.69
N ARG A 66 -9.82 -0.04 -26.51
CA ARG A 66 -10.38 -1.33 -26.11
C ARG A 66 -9.29 -2.39 -26.02
N ARG A 67 -8.21 -2.25 -26.80
CA ARG A 67 -7.05 -3.12 -26.69
C ARG A 67 -6.13 -2.70 -25.55
N GLY A 68 -6.19 -1.42 -25.16
CA GLY A 68 -5.36 -0.91 -24.08
C GLY A 68 -4.58 0.33 -24.45
N THR A 69 -4.12 1.06 -23.43
CA THR A 69 -3.20 2.17 -23.56
C THR A 69 -1.88 1.76 -22.89
N LEU A 70 -0.96 2.72 -22.80
CA LEU A 70 0.32 2.43 -22.15
C LEU A 70 0.12 1.89 -20.73
N THR A 71 -0.90 2.37 -20.03
CA THR A 71 -1.14 1.95 -18.66
C THR A 71 -1.49 0.47 -18.59
N HIS A 72 -2.33 0.01 -19.51
CA HIS A 72 -2.66 -1.41 -19.55
C HIS A 72 -1.46 -2.24 -19.94
N PHE A 73 -0.71 -1.78 -20.95
CA PHE A 73 0.45 -2.55 -21.40
C PHE A 73 1.42 -2.77 -20.24
N SER A 74 1.61 -1.75 -19.41
CA SER A 74 2.53 -1.87 -18.28
C SER A 74 2.05 -2.92 -17.30
N LEU A 75 0.75 -2.89 -16.96
CA LEU A 75 0.21 -3.91 -16.07
C LEU A 75 0.30 -5.29 -16.68
N GLN A 76 -0.03 -5.42 -17.97
CA GLN A 76 0.05 -6.72 -18.62
C GLN A 76 1.47 -7.27 -18.56
N GLU A 77 2.46 -6.44 -18.84
CA GLU A 77 3.84 -6.91 -18.75
C GLU A 77 4.19 -7.35 -17.32
N ALA A 78 3.73 -6.57 -16.33
CA ALA A 78 4.00 -6.91 -14.94
C ALA A 78 3.41 -8.28 -14.59
N MET A 79 2.15 -8.50 -14.96
CA MET A 79 1.49 -9.76 -14.62
C MET A 79 2.14 -10.94 -15.32
N CYS A 80 2.53 -10.77 -16.60
CA CYS A 80 3.21 -11.84 -17.29
C CYS A 80 4.55 -12.17 -16.65
N GLU A 81 5.29 -11.15 -16.23
CA GLU A 81 6.58 -11.40 -15.57
C GLU A 81 6.36 -12.14 -14.26
N LEU A 82 5.38 -11.69 -13.47
CA LEU A 82 5.22 -12.22 -12.13
C LEU A 82 4.62 -13.63 -12.15
N GLU A 83 3.72 -13.92 -13.09
CA GLU A 83 3.11 -15.23 -13.17
C GLU A 83 3.69 -16.12 -14.26
N GLY A 84 4.70 -15.64 -14.97
CA GLY A 84 5.42 -16.50 -15.92
C GLY A 84 4.63 -16.86 -17.16
N GLY A 85 3.85 -15.91 -17.68
CA GLY A 85 2.96 -16.16 -18.78
C GLY A 85 3.37 -15.42 -20.05
N ALA A 86 2.65 -15.75 -21.13
CA ALA A 86 2.86 -15.14 -22.44
C ALA A 86 1.97 -13.93 -22.67
N GLY A 87 0.82 -13.88 -22.01
CA GLY A 87 -0.04 -12.72 -22.10
C GLY A 87 -1.01 -12.70 -20.94
N CYS A 88 -1.56 -11.50 -20.71
CA CYS A 88 -2.46 -11.24 -19.60
C CYS A 88 -3.67 -10.49 -20.14
N ALA A 89 -4.84 -11.13 -20.07
CA ALA A 89 -6.09 -10.46 -20.39
C ALA A 89 -6.67 -9.79 -19.15
N LEU A 90 -7.35 -8.66 -19.37
CA LEU A 90 -7.89 -7.82 -18.32
C LEU A 90 -9.40 -7.74 -18.45
N PHE A 91 -10.06 -7.65 -17.30
CA PHE A 91 -11.51 -7.79 -17.18
C PHE A 91 -12.04 -6.84 -16.12
N PRO A 92 -13.34 -6.54 -16.17
CA PRO A 92 -13.92 -5.59 -15.19
C PRO A 92 -13.90 -6.08 -13.75
N CYS A 93 -13.84 -7.38 -13.53
CA CYS A 93 -13.79 -7.93 -12.17
C CYS A 93 -13.39 -9.39 -12.27
N GLY A 94 -13.18 -10.00 -11.11
CA GLY A 94 -12.80 -11.41 -11.08
C GLY A 94 -13.83 -12.31 -11.71
N ALA A 95 -15.12 -12.09 -11.42
CA ALA A 95 -16.17 -12.93 -11.98
C ALA A 95 -16.18 -12.85 -13.50
N ALA A 96 -15.92 -11.66 -14.05
CA ALA A 96 -15.85 -11.54 -15.50
C ALA A 96 -14.65 -12.28 -16.05
N ALA A 97 -13.52 -12.26 -15.33
CA ALA A 97 -12.36 -13.01 -15.76
C ALA A 97 -12.66 -14.50 -15.79
N VAL A 98 -13.33 -15.01 -14.77
CA VAL A 98 -13.63 -16.43 -14.74
C VAL A 98 -14.57 -16.79 -15.88
N ALA A 99 -15.70 -16.08 -15.97
CA ALA A 99 -16.72 -16.40 -16.95
C ALA A 99 -16.18 -16.32 -18.37
N ASN A 100 -15.46 -15.24 -18.68
CA ASN A 100 -15.00 -15.03 -20.04
C ASN A 100 -13.78 -15.87 -20.38
N THR A 101 -12.96 -16.23 -19.39
CA THR A 101 -11.86 -17.14 -19.68
C THR A 101 -12.37 -18.54 -20.00
N ILE A 102 -13.33 -19.05 -19.23
CA ILE A 102 -13.93 -20.33 -19.57
C ILE A 102 -14.60 -20.24 -20.94
N LEU A 103 -15.41 -19.20 -21.15
CA LEU A 103 -16.16 -19.07 -22.40
C LEU A 103 -15.23 -19.03 -23.61
N ALA A 104 -14.04 -18.45 -23.45
CA ALA A 104 -13.12 -18.35 -24.57
C ALA A 104 -12.67 -19.70 -25.09
N PHE A 105 -12.83 -20.76 -24.31
CA PHE A 105 -12.27 -22.06 -24.70
C PHE A 105 -13.31 -23.15 -24.88
N VAL A 106 -14.59 -22.81 -24.85
CA VAL A 106 -15.62 -23.83 -25.01
C VAL A 106 -16.53 -23.48 -26.19
N GLU A 107 -17.27 -24.49 -26.62
CA GLU A 107 -18.26 -24.37 -27.68
C GLU A 107 -19.28 -25.49 -27.47
N GLN A 108 -20.39 -25.41 -28.19
CA GLN A 108 -21.44 -26.42 -28.06
C GLN A 108 -20.82 -27.81 -28.12
N GLY A 109 -21.25 -28.66 -27.19
CA GLY A 109 -20.80 -30.04 -27.13
C GLY A 109 -19.62 -30.29 -26.23
N ASP A 110 -18.98 -29.25 -25.71
CA ASP A 110 -17.86 -29.43 -24.82
C ASP A 110 -18.33 -29.71 -23.39
N HIS A 111 -17.39 -30.20 -22.58
CA HIS A 111 -17.61 -30.55 -21.18
C HIS A 111 -16.56 -29.85 -20.35
N VAL A 112 -17.00 -29.29 -19.22
CA VAL A 112 -16.14 -28.62 -18.27
C VAL A 112 -16.14 -29.45 -16.99
N LEU A 113 -14.96 -29.68 -16.42
N LEU A 113 -14.95 -29.77 -16.49
CA LEU A 113 -14.80 -30.40 -15.16
CA LEU A 113 -14.77 -30.36 -15.18
C LEU A 113 -14.27 -29.43 -14.12
C LEU A 113 -14.37 -29.24 -14.23
N MET A 114 -15.11 -29.09 -13.14
CA MET A 114 -14.83 -28.05 -12.15
C MET A 114 -14.87 -28.59 -10.74
N THR A 115 -13.95 -28.09 -9.90
CA THR A 115 -13.96 -28.48 -8.49
C THR A 115 -15.26 -28.03 -7.84
N ASN A 116 -15.82 -28.87 -6.99
CA ASN A 116 -17.09 -28.54 -6.36
C ASN A 116 -16.93 -27.51 -5.25
N THR A 117 -15.69 -27.08 -4.99
CA THR A 117 -15.39 -25.99 -4.08
C THR A 117 -15.18 -24.67 -4.80
N ALA A 118 -15.51 -24.60 -6.09
CA ALA A 118 -15.34 -23.36 -6.83
C ALA A 118 -16.23 -22.28 -6.25
N TYR A 119 -15.76 -21.04 -6.36
CA TYR A 119 -16.55 -19.86 -6.05
C TYR A 119 -17.95 -19.97 -6.62
N GLU A 120 -18.96 -19.66 -5.80
CA GLU A 120 -20.33 -19.90 -6.23
C GLU A 120 -20.67 -19.21 -7.55
N PRO A 121 -20.34 -17.94 -7.77
CA PRO A 121 -20.64 -17.33 -9.08
C PRO A 121 -19.97 -18.03 -10.25
N SER A 122 -18.79 -18.63 -10.03
CA SER A 122 -18.17 -19.44 -11.08
C SER A 122 -19.03 -20.65 -11.41
N GLN A 123 -19.52 -21.34 -10.38
CA GLN A 123 -20.43 -22.46 -10.60
C GLN A 123 -21.69 -22.00 -11.33
N ASP A 124 -22.26 -20.87 -10.90
CA ASP A 124 -23.51 -20.38 -11.48
C ASP A 124 -23.33 -19.97 -12.94
N PHE A 125 -22.19 -19.39 -13.28
CA PHE A 125 -21.88 -19.16 -14.68
C PHE A 125 -21.98 -20.46 -15.47
N CYS A 126 -21.41 -21.55 -14.95
CA CYS A 126 -21.46 -22.82 -15.66
C CYS A 126 -22.90 -23.34 -15.78
N THR A 127 -23.65 -23.34 -14.68
CA THR A 127 -24.96 -23.99 -14.72
C THR A 127 -26.04 -23.12 -15.34
N LYS A 128 -25.90 -21.79 -15.24
CA LYS A 128 -26.96 -20.90 -15.71
C LYS A 128 -26.66 -20.25 -17.05
N ILE A 129 -25.39 -20.12 -17.45
CA ILE A 129 -25.03 -19.57 -18.75
C ILE A 129 -24.54 -20.67 -19.69
N LEU A 130 -23.49 -21.40 -19.31
CA LEU A 130 -22.91 -22.36 -20.24
C LEU A 130 -23.91 -23.45 -20.64
N ALA A 131 -24.70 -23.93 -19.69
CA ALA A 131 -25.54 -25.10 -19.96
C ALA A 131 -26.51 -24.84 -21.12
N LYS A 132 -27.12 -23.65 -21.16
CA LYS A 132 -28.07 -23.35 -22.22
C LYS A 132 -27.39 -23.08 -23.55
N LEU A 133 -26.07 -22.96 -23.55
CA LEU A 133 -25.29 -22.80 -24.77
C LEU A 133 -24.63 -24.10 -25.19
N GLY A 134 -25.05 -25.23 -24.61
CA GLY A 134 -24.59 -26.52 -25.06
C GLY A 134 -23.31 -27.02 -24.43
N VAL A 135 -22.87 -26.42 -23.34
CA VAL A 135 -21.66 -26.84 -22.64
C VAL A 135 -22.07 -27.43 -21.31
N THR A 136 -21.66 -28.67 -21.05
CA THR A 136 -22.00 -29.34 -19.81
C THR A 136 -20.88 -29.17 -18.79
N THR A 137 -21.24 -29.28 -17.51
CA THR A 137 -20.28 -29.15 -16.41
C THR A 137 -20.45 -30.33 -15.46
N GLY A 138 -19.34 -30.99 -15.16
CA GLY A 138 -19.26 -31.99 -14.12
C GLY A 138 -18.32 -31.54 -13.02
N TRP A 139 -18.39 -32.26 -11.89
CA TRP A 139 -17.83 -31.79 -10.64
C TRP A 139 -16.87 -32.81 -10.03
N PHE A 140 -15.92 -32.31 -9.24
CA PHE A 140 -15.02 -33.22 -8.54
C PHE A 140 -14.64 -32.69 -7.16
N ASP A 141 -14.44 -33.66 -6.25
CA ASP A 141 -13.96 -33.35 -4.92
C ASP A 141 -12.56 -32.75 -5.00
N PRO A 142 -12.26 -31.72 -4.18
CA PRO A 142 -10.96 -31.06 -4.33
C PRO A 142 -9.77 -31.92 -3.96
N LEU A 143 -9.95 -32.97 -3.16
CA LEU A 143 -8.85 -33.87 -2.83
C LEU A 143 -8.81 -35.10 -3.73
N ILE A 144 -9.44 -35.04 -4.89
CA ILE A 144 -9.53 -36.21 -5.77
C ILE A 144 -8.16 -36.63 -6.29
N GLY A 145 -7.23 -35.69 -6.44
CA GLY A 145 -5.90 -36.05 -6.90
C GLY A 145 -5.91 -36.80 -8.22
N ALA A 146 -5.11 -37.86 -8.30
CA ALA A 146 -4.94 -38.60 -9.54
C ALA A 146 -6.23 -39.27 -10.00
N ASP A 147 -7.20 -39.46 -9.12
CA ASP A 147 -8.44 -40.13 -9.53
C ASP A 147 -9.32 -39.27 -10.42
N ILE A 148 -8.93 -38.02 -10.67
CA ILE A 148 -9.65 -37.19 -11.61
C ILE A 148 -9.61 -37.80 -13.01
N ALA A 149 -8.61 -38.63 -13.30
CA ALA A 149 -8.53 -39.28 -14.60
C ALA A 149 -9.81 -40.03 -14.95
N ASN A 150 -10.49 -40.58 -13.94
CA ASN A 150 -11.69 -41.36 -14.20
C ASN A 150 -12.89 -40.50 -14.58
N LEU A 151 -12.79 -39.18 -14.45
CA LEU A 151 -13.90 -38.28 -14.75
C LEU A 151 -13.75 -37.58 -16.09
N ILE A 152 -12.61 -37.74 -16.76
CA ILE A 152 -12.35 -37.06 -18.02
C ILE A 152 -13.12 -37.76 -19.12
N GLN A 153 -13.98 -37.03 -19.80
CA GLN A 153 -14.80 -37.56 -20.87
C GLN A 153 -14.18 -37.25 -22.22
N PRO A 154 -14.61 -37.95 -23.27
CA PRO A 154 -14.09 -37.64 -24.61
C PRO A 154 -14.26 -36.19 -25.00
N ASN A 155 -15.24 -35.50 -24.44
CA ASN A 155 -15.52 -34.10 -24.79
C ASN A 155 -15.08 -33.12 -23.72
N THR A 156 -14.38 -33.58 -22.68
CA THR A 156 -13.85 -32.67 -21.68
C THR A 156 -12.80 -31.75 -22.32
N LYS A 157 -13.05 -30.45 -22.23
CA LYS A 157 -12.23 -29.42 -22.84
C LYS A 157 -11.49 -28.58 -21.81
N VAL A 158 -12.11 -28.33 -20.66
CA VAL A 158 -11.58 -27.45 -19.62
C VAL A 158 -11.63 -28.21 -18.30
N VAL A 159 -10.52 -28.16 -17.55
CA VAL A 159 -10.49 -28.60 -16.17
C VAL A 159 -10.22 -27.36 -15.33
N PHE A 160 -11.15 -27.03 -14.44
CA PHE A 160 -11.11 -25.77 -13.69
C PHE A 160 -10.83 -26.06 -12.22
N LEU A 161 -9.67 -25.56 -11.76
CA LEU A 161 -9.21 -25.72 -10.40
C LEU A 161 -9.40 -24.44 -9.60
N GLU A 162 -9.49 -24.60 -8.28
CA GLU A 162 -9.47 -23.46 -7.38
C GLU A 162 -8.84 -23.92 -6.07
N SER A 163 -7.64 -23.46 -5.78
CA SER A 163 -6.88 -23.97 -4.66
C SER A 163 -6.21 -22.82 -3.93
N PRO A 164 -6.53 -22.58 -2.65
CA PRO A 164 -7.55 -23.25 -1.83
C PRO A 164 -8.96 -23.00 -2.35
N GLY A 165 -9.91 -23.84 -1.94
CA GLY A 165 -11.28 -23.68 -2.37
C GLY A 165 -11.95 -22.49 -1.71
N SER A 166 -13.03 -22.03 -2.32
CA SER A 166 -13.79 -20.94 -1.73
C SER A 166 -14.41 -21.36 -0.40
N ILE A 167 -14.28 -20.49 0.59
CA ILE A 167 -14.92 -20.58 1.91
C ILE A 167 -14.35 -21.70 2.77
N THR A 168 -14.32 -22.93 2.26
CA THR A 168 -13.89 -24.09 3.06
C THR A 168 -12.41 -24.41 2.91
N MET A 169 -11.72 -23.80 1.95
CA MET A 169 -10.26 -23.65 1.90
C MET A 169 -9.50 -24.94 1.59
N GLU A 170 -10.14 -25.96 1.03
CA GLU A 170 -9.44 -27.19 0.70
C GLU A 170 -8.38 -26.93 -0.37
N VAL A 171 -7.18 -27.50 -0.19
CA VAL A 171 -6.08 -27.32 -1.12
C VAL A 171 -5.96 -28.54 -2.02
N HIS A 172 -5.94 -28.31 -3.34
CA HIS A 172 -5.74 -29.39 -4.29
C HIS A 172 -4.32 -29.96 -4.22
N ASP A 173 -4.18 -31.19 -4.71
CA ASP A 173 -2.88 -31.77 -5.08
C ASP A 173 -2.66 -31.50 -6.57
N VAL A 174 -2.22 -30.28 -6.88
CA VAL A 174 -2.17 -29.86 -8.29
C VAL A 174 -1.25 -30.75 -9.10
N PRO A 175 -0.05 -31.11 -8.62
CA PRO A 175 0.79 -32.02 -9.44
C PRO A 175 0.09 -33.33 -9.77
N ALA A 176 -0.66 -33.91 -8.84
CA ALA A 176 -1.33 -35.17 -9.14
C ALA A 176 -2.49 -34.96 -10.11
N ILE A 177 -3.25 -33.88 -9.93
CA ILE A 177 -4.35 -33.59 -10.85
C ILE A 177 -3.82 -33.32 -12.26
N VAL A 178 -2.80 -32.46 -12.37
CA VAL A 178 -2.28 -32.11 -13.69
C VAL A 178 -1.74 -33.34 -14.40
N ALA A 179 -0.97 -34.17 -13.69
CA ALA A 179 -0.41 -35.36 -14.32
C ALA A 179 -1.52 -36.28 -14.82
N ALA A 180 -2.57 -36.44 -14.02
CA ALA A 180 -3.68 -37.30 -14.41
C ALA A 180 -4.40 -36.75 -15.64
N VAL A 181 -4.65 -35.45 -15.67
CA VAL A 181 -5.30 -34.84 -16.82
C VAL A 181 -4.45 -35.04 -18.07
N ARG A 182 -3.15 -34.77 -17.96
CA ARG A 182 -2.30 -34.81 -19.16
C ARG A 182 -2.16 -36.24 -19.69
N ARG A 183 -2.30 -37.23 -18.81
N ARG A 183 -2.33 -37.24 -18.82
CA ARG A 183 -2.24 -38.62 -19.28
CA ARG A 183 -2.24 -38.62 -19.27
C ARG A 183 -3.42 -38.94 -20.18
C ARG A 183 -3.43 -39.00 -20.15
N VAL A 184 -4.61 -38.49 -19.82
CA VAL A 184 -5.83 -38.81 -20.57
C VAL A 184 -6.07 -37.82 -21.70
N ALA A 185 -5.96 -36.54 -21.41
CA ALA A 185 -6.34 -35.46 -22.32
C ALA A 185 -5.20 -34.46 -22.36
N PRO A 186 -4.11 -34.78 -23.06
CA PRO A 186 -2.91 -33.93 -22.99
C PRO A 186 -3.16 -32.48 -23.39
N GLU A 187 -4.15 -32.22 -24.24
CA GLU A 187 -4.39 -30.89 -24.79
C GLU A 187 -5.57 -30.18 -24.14
N ALA A 188 -6.14 -30.74 -23.09
CA ALA A 188 -7.16 -30.03 -22.32
C ALA A 188 -6.62 -28.70 -21.83
N ILE A 189 -7.54 -27.78 -21.58
CA ILE A 189 -7.21 -26.46 -21.06
C ILE A 189 -7.39 -26.52 -19.54
N ILE A 190 -6.30 -26.45 -18.79
CA ILE A 190 -6.35 -26.48 -17.33
C ILE A 190 -6.25 -25.02 -16.85
N MET A 191 -7.25 -24.60 -16.08
CA MET A 191 -7.36 -23.25 -15.55
C MET A 191 -7.41 -23.33 -14.04
N ILE A 192 -6.96 -22.26 -13.38
CA ILE A 192 -7.10 -22.17 -11.93
C ILE A 192 -7.52 -20.75 -11.55
N ASP A 193 -8.46 -20.65 -10.62
CA ASP A 193 -8.72 -19.41 -9.92
C ASP A 193 -7.68 -19.32 -8.80
N ASN A 194 -6.67 -18.47 -8.99
CA ASN A 194 -5.48 -18.37 -8.15
C ASN A 194 -5.51 -17.11 -7.31
N THR A 195 -6.72 -16.63 -6.98
CA THR A 195 -6.88 -15.37 -6.26
C THR A 195 -6.30 -15.44 -4.84
N TRP A 196 -6.54 -16.55 -4.14
CA TRP A 196 -6.09 -16.61 -2.74
C TRP A 196 -4.58 -16.44 -2.63
N ALA A 197 -3.84 -16.98 -3.59
CA ALA A 197 -2.38 -16.87 -3.61
C ALA A 197 -1.91 -15.59 -4.26
N ALA A 198 -2.83 -14.76 -4.73
CA ALA A 198 -2.51 -13.52 -5.43
C ALA A 198 -1.59 -13.77 -6.61
N GLY A 199 -1.66 -14.97 -7.19
CA GLY A 199 -0.83 -15.35 -8.32
C GLY A 199 0.65 -15.51 -8.03
N VAL A 200 1.11 -15.19 -6.82
CA VAL A 200 2.54 -15.23 -6.53
C VAL A 200 2.89 -16.21 -5.42
N LEU A 201 1.96 -16.61 -4.57
CA LEU A 201 2.25 -17.64 -3.58
C LEU A 201 2.13 -19.05 -4.15
N PHE A 202 1.54 -19.19 -5.33
CA PHE A 202 1.42 -20.47 -6.03
C PHE A 202 1.66 -20.14 -7.51
N LYS A 203 2.78 -20.61 -8.06
N LYS A 203 2.79 -20.57 -8.06
CA LYS A 203 3.18 -20.31 -9.43
CA LYS A 203 3.14 -20.21 -9.45
C LYS A 203 2.49 -21.32 -10.36
C LYS A 203 2.50 -21.25 -10.38
N ALA A 204 1.21 -21.04 -10.64
CA ALA A 204 0.39 -22.02 -11.32
C ALA A 204 0.96 -22.50 -12.66
N LEU A 205 1.49 -21.57 -13.46
N LEU A 205 1.47 -21.58 -13.47
CA LEU A 205 1.95 -21.96 -14.79
CA LEU A 205 1.94 -21.98 -14.79
C LEU A 205 3.22 -22.80 -14.74
C LEU A 205 3.16 -22.88 -14.70
N ASP A 206 3.97 -22.74 -13.64
CA ASP A 206 5.11 -23.63 -13.46
C ASP A 206 4.67 -25.06 -13.15
N PHE A 207 3.41 -25.26 -12.74
CA PHE A 207 2.88 -26.58 -12.45
C PHE A 207 2.17 -27.20 -13.65
N GLY A 208 2.23 -26.58 -14.82
CA GLY A 208 1.58 -27.12 -15.99
C GLY A 208 0.12 -26.74 -16.16
N ILE A 209 -0.38 -25.83 -15.33
CA ILE A 209 -1.66 -25.19 -15.58
C ILE A 209 -1.49 -24.21 -16.73
N ASP A 210 -2.53 -24.10 -17.56
CA ASP A 210 -2.44 -23.28 -18.76
C ASP A 210 -2.78 -21.81 -18.51
N ILE A 211 -3.73 -21.53 -17.62
CA ILE A 211 -4.22 -20.18 -17.39
C ILE A 211 -4.42 -19.97 -15.90
N SER A 212 -3.88 -18.89 -15.38
CA SER A 212 -4.06 -18.50 -13.98
C SER A 212 -4.94 -17.25 -13.93
N ILE A 213 -6.11 -17.39 -13.31
CA ILE A 213 -7.12 -16.33 -13.22
C ILE A 213 -7.10 -15.73 -11.83
N GLN A 214 -7.21 -14.40 -11.75
CA GLN A 214 -7.31 -13.74 -10.47
C GLN A 214 -8.43 -12.71 -10.44
N ALA A 215 -9.10 -12.62 -9.29
CA ALA A 215 -9.83 -11.41 -8.92
C ALA A 215 -8.77 -10.47 -8.36
N ALA A 216 -8.21 -9.60 -9.21
CA ALA A 216 -7.23 -8.63 -8.76
C ALA A 216 -7.85 -7.68 -7.75
N THR A 217 -9.17 -7.60 -7.73
CA THR A 217 -9.96 -7.00 -6.67
C THR A 217 -9.49 -7.26 -5.25
N LYS A 218 -8.93 -8.44 -5.03
CA LYS A 218 -8.55 -8.86 -3.68
CA LYS A 218 -8.55 -8.86 -3.68
C LYS A 218 -7.15 -8.32 -3.35
N TYR A 219 -6.14 -9.19 -3.25
CA TYR A 219 -4.87 -8.70 -2.71
C TYR A 219 -4.09 -7.79 -3.67
N LEU A 220 -4.27 -7.94 -4.99
CA LEU A 220 -3.50 -7.08 -5.89
C LEU A 220 -3.88 -5.62 -5.69
N ILE A 221 -5.19 -5.31 -5.71
CA ILE A 221 -5.63 -3.96 -5.36
C ILE A 221 -5.31 -3.65 -3.90
N GLY A 222 -5.71 -4.55 -3.01
CA GLY A 222 -5.23 -4.56 -1.65
C GLY A 222 -5.88 -3.60 -0.69
N HIS A 223 -6.89 -2.83 -1.14
CA HIS A 223 -7.47 -1.80 -0.29
C HIS A 223 -8.99 -1.77 -0.37
N SER A 224 -9.61 -2.79 -0.93
CA SER A 224 -11.06 -2.94 -0.95
C SER A 224 -11.78 -1.87 -1.79
N ASP A 225 -11.05 -1.17 -2.68
N ASP A 225 -11.08 -1.14 -2.66
CA ASP A 225 -11.60 0.00 -3.37
CA ASP A 225 -11.77 -0.17 -3.50
C ASP A 225 -11.38 -0.03 -4.88
C ASP A 225 -11.91 -0.67 -4.95
N GLY A 226 -11.15 -1.20 -5.47
N GLY A 226 -10.81 -0.86 -5.68
CA GLY A 226 -11.09 -1.31 -6.90
CA GLY A 226 -10.92 -1.24 -7.08
C GLY A 226 -11.38 -2.72 -7.33
C GLY A 226 -11.48 -2.64 -7.28
N MET A 227 -12.02 -2.86 -8.49
CA MET A 227 -12.43 -4.18 -8.97
C MET A 227 -11.82 -4.41 -10.35
N ILE A 228 -11.32 -5.61 -10.57
CA ILE A 228 -10.58 -5.94 -11.78
C ILE A 228 -10.28 -7.43 -11.76
N GLY A 229 -10.36 -8.05 -12.93
CA GLY A 229 -9.96 -9.43 -13.11
C GLY A 229 -8.80 -9.53 -14.07
N THR A 230 -7.97 -10.55 -13.87
CA THR A 230 -6.85 -10.85 -14.75
C THR A 230 -6.84 -12.33 -15.10
N ALA A 231 -6.27 -12.65 -16.26
CA ALA A 231 -6.05 -14.03 -16.66
C ALA A 231 -4.73 -14.08 -17.41
N VAL A 232 -3.75 -14.79 -16.84
CA VAL A 232 -2.44 -14.94 -17.44
C VAL A 232 -2.36 -16.34 -18.05
N ALA A 233 -2.06 -16.38 -19.35
CA ALA A 233 -2.04 -17.62 -20.10
C ALA A 233 -0.65 -17.94 -20.62
N ASN A 234 -0.38 -19.24 -20.79
CA ASN A 234 0.84 -19.67 -21.45
C ASN A 234 0.74 -19.42 -22.96
N ALA A 235 1.86 -19.69 -23.65
CA ALA A 235 1.97 -19.37 -25.07
C ALA A 235 0.94 -20.15 -25.89
N ARG A 236 0.66 -21.39 -25.49
CA ARG A 236 -0.27 -22.22 -26.25
C ARG A 236 -1.67 -21.63 -26.25
N CYS A 237 -2.10 -21.03 -25.14
CA CYS A 237 -3.49 -20.62 -24.97
C CYS A 237 -3.72 -19.12 -25.12
N TRP A 238 -2.66 -18.32 -25.22
CA TRP A 238 -2.83 -16.87 -25.09
C TRP A 238 -3.69 -16.29 -26.21
N GLU A 239 -3.37 -16.59 -27.47
CA GLU A 239 -4.05 -15.92 -28.57
C GLU A 239 -5.55 -16.17 -28.54
N GLN A 240 -5.96 -17.40 -28.24
CA GLN A 240 -7.39 -17.70 -28.16
C GLN A 240 -8.04 -16.96 -27.01
N LEU A 241 -7.39 -16.93 -25.84
CA LEU A 241 -7.90 -16.16 -24.72
C LEU A 241 -8.04 -14.70 -25.10
N CYS A 242 -6.96 -14.13 -25.63
CA CYS A 242 -6.93 -12.72 -25.94
C CYS A 242 -8.04 -12.34 -26.92
N GLU A 243 -8.13 -13.07 -28.02
CA GLU A 243 -9.06 -12.66 -29.07
C GLU A 243 -10.50 -12.96 -28.72
N ASN A 244 -10.79 -14.03 -28.00
CA ASN A 244 -12.18 -14.31 -27.67
C ASN A 244 -12.68 -13.41 -26.55
N ALA A 245 -11.82 -13.07 -25.57
CA ALA A 245 -12.19 -12.07 -24.58
C ALA A 245 -12.41 -10.71 -25.22
N TYR A 246 -11.59 -10.37 -26.21
CA TYR A 246 -11.76 -9.08 -26.89
C TYR A 246 -13.07 -9.02 -27.66
N LEU A 247 -13.49 -10.14 -28.25
CA LEU A 247 -14.76 -10.17 -28.97
C LEU A 247 -15.95 -9.99 -28.04
N MET A 248 -15.79 -10.28 -26.74
CA MET A 248 -16.80 -9.97 -25.74
C MET A 248 -16.60 -8.59 -25.12
N GLY A 249 -15.65 -7.82 -25.64
CA GLY A 249 -15.44 -6.47 -25.16
C GLY A 249 -14.81 -6.34 -23.81
N GLN A 250 -14.07 -7.36 -23.37
CA GLN A 250 -13.56 -7.36 -22.00
C GLN A 250 -12.30 -6.52 -21.90
N MET A 251 -12.34 -5.57 -20.97
CA MET A 251 -11.22 -4.68 -20.67
C MET A 251 -11.43 -4.14 -19.26
N ILE A 252 -10.44 -3.42 -18.76
CA ILE A 252 -10.52 -2.65 -17.53
C ILE A 252 -10.13 -1.22 -17.86
N ASP A 253 -10.62 -0.27 -17.07
CA ASP A 253 -10.26 1.12 -17.27
C ASP A 253 -8.80 1.37 -16.89
N ALA A 254 -8.20 2.39 -17.53
CA ALA A 254 -6.80 2.70 -17.30
C ALA A 254 -6.50 3.00 -15.84
N ASP A 255 -7.40 3.71 -15.14
CA ASP A 255 -7.08 4.09 -13.77
C ASP A 255 -7.01 2.86 -12.86
N THR A 256 -7.96 1.92 -13.00
CA THR A 256 -7.87 0.70 -12.20
C THR A 256 -6.65 -0.12 -12.58
N ALA A 257 -6.27 -0.13 -13.86
CA ALA A 257 -5.02 -0.80 -14.24
C ALA A 257 -3.84 -0.19 -13.50
N TYR A 258 -3.79 1.14 -13.44
CA TYR A 258 -2.73 1.82 -12.71
C TYR A 258 -2.76 1.42 -11.23
N MET A 259 -3.94 1.37 -10.63
N MET A 259 -3.94 1.40 -10.63
CA MET A 259 -4.03 1.04 -9.22
CA MET A 259 -4.04 1.04 -9.21
C MET A 259 -3.70 -0.42 -8.95
C MET A 259 -3.60 -0.39 -8.98
N THR A 260 -3.82 -1.28 -9.94
CA THR A 260 -3.40 -2.67 -9.77
C THR A 260 -1.89 -2.79 -9.81
N SER A 261 -1.25 -2.13 -10.79
CA SER A 261 0.21 -2.08 -10.80
C SER A 261 0.73 -1.52 -9.49
N ARG A 262 0.07 -0.48 -8.99
CA ARG A 262 0.51 0.17 -7.75
C ARG A 262 0.36 -0.77 -6.57
N GLY A 263 -0.71 -1.55 -6.55
CA GLY A 263 -0.88 -2.53 -5.48
C GLY A 263 0.19 -3.60 -5.47
N LEU A 264 0.65 -4.01 -6.66
CA LEU A 264 1.71 -5.01 -6.72
C LEU A 264 2.90 -4.61 -5.87
N ARG A 265 3.19 -3.31 -5.79
CA ARG A 265 4.46 -2.87 -5.22
C ARG A 265 4.55 -3.19 -3.73
N THR A 266 3.42 -3.22 -3.03
CA THR A 266 3.37 -3.51 -1.61
C THR A 266 2.83 -4.91 -1.34
N LEU A 267 2.63 -5.72 -2.37
CA LEU A 267 1.98 -7.02 -2.19
C LEU A 267 2.80 -7.93 -1.28
N GLY A 268 4.12 -7.89 -1.39
CA GLY A 268 4.96 -8.78 -0.59
C GLY A 268 4.90 -8.44 0.88
N VAL A 269 5.05 -7.15 1.21
N VAL A 269 5.04 -7.15 1.21
CA VAL A 269 5.01 -6.75 2.62
CA VAL A 269 5.03 -6.77 2.62
C VAL A 269 3.63 -7.00 3.19
C VAL A 269 3.63 -6.95 3.21
N ARG A 270 2.58 -6.75 2.41
CA ARG A 270 1.23 -6.99 2.91
C ARG A 270 1.00 -8.48 3.14
N LEU A 271 1.31 -9.32 2.14
CA LEU A 271 1.07 -10.75 2.30
C LEU A 271 1.81 -11.33 3.50
N ARG A 272 3.03 -10.86 3.75
CA ARG A 272 3.77 -11.41 4.89
C ARG A 272 3.05 -11.11 6.20
N GLN A 273 2.44 -9.92 6.31
CA GLN A 273 1.65 -9.62 7.50
C GLN A 273 0.37 -10.46 7.56
N HIS A 274 -0.32 -10.59 6.42
CA HIS A 274 -1.56 -11.38 6.43
C HIS A 274 -1.27 -12.84 6.81
N HIS A 275 -0.17 -13.38 6.30
CA HIS A 275 0.27 -14.72 6.65
C HIS A 275 0.52 -14.84 8.15
N GLU A 276 1.40 -13.99 8.66
CA GLU A 276 1.77 -14.07 10.08
C GLU A 276 0.54 -13.95 10.97
N SER A 277 -0.32 -12.97 10.69
CA SER A 277 -1.46 -12.73 11.57
C SER A 277 -2.51 -13.82 11.42
N SER A 278 -2.84 -14.23 10.19
CA SER A 278 -3.89 -15.21 10.04
C SER A 278 -3.46 -16.58 10.56
N LEU A 279 -2.15 -16.91 10.46
CA LEU A 279 -1.69 -18.16 11.05
C LEU A 279 -1.80 -18.13 12.57
N ARG A 280 -1.42 -17.00 13.19
N ARG A 280 -1.44 -17.00 13.19
CA ARG A 280 -1.59 -16.87 14.63
CA ARG A 280 -1.59 -16.89 14.64
C ARG A 280 -3.05 -17.09 15.01
C ARG A 280 -3.05 -17.05 15.05
N VAL A 281 -3.96 -16.36 14.36
CA VAL A 281 -5.37 -16.48 14.70
C VAL A 281 -5.84 -17.92 14.51
N ALA A 282 -5.43 -18.55 13.40
CA ALA A 282 -5.82 -19.94 13.16
C ALA A 282 -5.30 -20.85 14.26
N GLU A 283 -4.04 -20.69 14.67
CA GLU A 283 -3.49 -21.53 15.73
C GLU A 283 -4.24 -21.31 17.04
N TRP A 284 -4.62 -20.07 17.32
CA TRP A 284 -5.37 -19.77 18.53
C TRP A 284 -6.77 -20.37 18.47
N LEU A 285 -7.46 -20.22 17.35
CA LEU A 285 -8.79 -20.81 17.22
C LEU A 285 -8.75 -22.32 17.35
N ALA A 286 -7.69 -22.95 16.83
CA ALA A 286 -7.62 -24.41 16.87
C ALA A 286 -7.58 -24.94 18.30
N GLN A 287 -7.12 -24.12 19.24
CA GLN A 287 -7.06 -24.50 20.64
C GLN A 287 -8.32 -24.13 21.41
N HIS A 288 -9.25 -23.42 20.78
CA HIS A 288 -10.36 -22.81 21.51
C HIS A 288 -11.48 -23.82 21.72
N PRO A 289 -12.05 -23.90 22.93
CA PRO A 289 -13.10 -24.90 23.18
C PRO A 289 -14.38 -24.67 22.41
N GLN A 290 -14.63 -23.47 21.90
CA GLN A 290 -15.84 -23.21 21.13
C GLN A 290 -15.63 -23.39 19.63
N VAL A 291 -14.50 -23.96 19.23
CA VAL A 291 -14.17 -24.16 17.82
C VAL A 291 -14.05 -25.65 17.55
N ALA A 292 -14.79 -26.13 16.56
CA ALA A 292 -14.74 -27.54 16.20
C ALA A 292 -13.59 -27.85 15.25
N ARG A 293 -13.31 -26.93 14.34
CA ARG A 293 -12.33 -27.18 13.29
C ARG A 293 -11.92 -25.85 12.67
N VAL A 294 -10.66 -25.76 12.26
CA VAL A 294 -10.12 -24.60 11.57
C VAL A 294 -9.70 -25.02 10.18
N ASN A 295 -10.19 -24.30 9.17
CA ASN A 295 -9.84 -24.52 7.76
C ASN A 295 -8.88 -23.42 7.33
N HIS A 296 -7.58 -23.63 7.53
CA HIS A 296 -6.56 -22.70 7.08
C HIS A 296 -5.51 -23.53 6.34
N PRO A 297 -5.23 -23.23 5.07
CA PRO A 297 -4.23 -24.04 4.33
C PRO A 297 -2.91 -24.21 5.05
N ALA A 298 -2.47 -23.22 5.81
CA ALA A 298 -1.19 -23.27 6.50
C ALA A 298 -1.27 -23.97 7.85
N LEU A 299 -2.44 -24.31 8.33
CA LEU A 299 -2.56 -24.94 9.64
C LEU A 299 -2.47 -26.45 9.51
N PRO A 300 -1.58 -27.13 10.24
CA PRO A 300 -1.56 -28.59 10.20
C PRO A 300 -2.94 -29.17 10.45
N GLY A 301 -3.26 -30.25 9.74
CA GLY A 301 -4.54 -30.92 9.87
C GLY A 301 -5.62 -30.43 8.92
N SER A 302 -5.46 -29.25 8.34
N SER A 302 -5.47 -29.23 8.37
CA SER A 302 -6.44 -28.73 7.40
CA SER A 302 -6.44 -28.73 7.41
C SER A 302 -6.35 -29.46 6.08
C SER A 302 -6.38 -29.56 6.13
N LYS A 303 -7.49 -29.57 5.39
CA LYS A 303 -7.57 -30.40 4.19
C LYS A 303 -6.61 -29.91 3.12
N GLY A 304 -5.69 -30.77 2.72
CA GLY A 304 -4.69 -30.42 1.74
C GLY A 304 -3.52 -29.63 2.26
N HIS A 305 -3.42 -29.44 3.58
CA HIS A 305 -2.30 -28.70 4.14
C HIS A 305 -0.96 -29.16 3.60
N GLU A 306 -0.76 -30.48 3.49
CA GLU A 306 0.52 -30.99 3.03
C GLU A 306 0.86 -30.48 1.63
N PHE A 307 -0.15 -30.28 0.78
CA PHE A 307 0.09 -29.75 -0.56
C PHE A 307 0.39 -28.26 -0.51
N TRP A 308 -0.28 -27.52 0.38
CA TRP A 308 0.06 -26.12 0.56
C TRP A 308 1.52 -25.99 0.97
N LYS A 309 1.94 -26.78 1.95
CA LYS A 309 3.31 -26.64 2.45
C LYS A 309 4.32 -27.00 1.36
N ARG A 310 4.01 -27.98 0.53
CA ARG A 310 4.93 -28.42 -0.51
C ARG A 310 4.96 -27.46 -1.69
N ASP A 311 3.79 -26.95 -2.09
CA ASP A 311 3.65 -26.29 -3.39
C ASP A 311 3.53 -24.78 -3.33
N PHE A 312 3.22 -24.19 -2.18
CA PHE A 312 3.09 -22.74 -2.05
C PHE A 312 4.35 -22.16 -1.39
N SER A 313 4.59 -20.88 -1.62
CA SER A 313 5.67 -20.16 -0.96
C SER A 313 5.20 -19.32 0.21
N GLY A 314 3.91 -19.37 0.53
CA GLY A 314 3.40 -18.64 1.67
C GLY A 314 1.88 -18.74 1.69
N SER A 315 1.30 -18.00 2.64
CA SER A 315 -0.14 -17.93 2.81
C SER A 315 -0.62 -16.48 2.73
N SER A 316 -1.89 -16.31 2.40
CA SER A 316 -2.55 -15.02 2.57
C SER A 316 -3.35 -15.03 3.87
N GLY A 317 -4.37 -14.19 3.97
CA GLY A 317 -5.06 -13.98 5.23
C GLY A 317 -6.50 -14.45 5.35
N LEU A 318 -7.00 -15.15 4.33
CA LEU A 318 -8.38 -15.62 4.31
C LEU A 318 -8.47 -17.08 4.72
N PHE A 319 -9.38 -17.39 5.64
CA PHE A 319 -9.60 -18.76 6.08
C PHE A 319 -10.95 -18.83 6.78
N SER A 320 -11.32 -20.03 7.25
CA SER A 320 -12.59 -20.21 7.92
C SER A 320 -12.43 -21.16 9.10
N PHE A 321 -13.45 -21.19 9.96
CA PHE A 321 -13.50 -22.15 11.04
C PHE A 321 -14.96 -22.51 11.32
N VAL A 322 -15.14 -23.65 11.97
CA VAL A 322 -16.46 -24.18 12.31
C VAL A 322 -16.64 -24.05 13.81
N LEU A 323 -17.76 -23.45 14.24
CA LEU A 323 -18.07 -23.33 15.64
C LEU A 323 -18.51 -24.67 16.21
N ASN A 324 -18.42 -24.79 17.55
CA ASN A 324 -18.79 -26.04 18.22
C ASN A 324 -20.29 -26.26 18.25
N LYS A 325 -21.08 -25.39 17.64
CA LYS A 325 -22.52 -25.58 17.59
C LYS A 325 -23.09 -24.81 16.42
N ARG A 326 -24.33 -25.16 16.07
CA ARG A 326 -25.11 -24.41 15.11
C ARG A 326 -25.76 -23.23 15.82
N LEU A 327 -25.39 -22.01 15.42
CA LEU A 327 -25.98 -20.84 16.05
C LEU A 327 -27.43 -20.67 15.62
N THR A 328 -28.26 -20.30 16.59
CA THR A 328 -29.62 -19.85 16.29
C THR A 328 -29.57 -18.47 15.63
N ASP A 329 -30.70 -18.05 15.09
CA ASP A 329 -30.76 -16.72 14.49
C ASP A 329 -30.47 -15.63 15.53
N ALA A 330 -30.94 -15.82 16.77
CA ALA A 330 -30.63 -14.84 17.81
C ALA A 330 -29.14 -14.82 18.12
N GLU A 331 -28.52 -16.00 18.20
CA GLU A 331 -27.08 -16.06 18.47
C GLU A 331 -26.27 -15.50 17.30
N LEU A 332 -26.74 -15.70 16.06
CA LEU A 332 -26.03 -15.13 14.92
C LEU A 332 -26.00 -13.62 15.00
N ALA A 333 -27.11 -13.00 15.38
CA ALA A 333 -27.17 -11.55 15.52
C ALA A 333 -26.30 -11.10 16.68
N ALA A 334 -26.41 -11.77 17.83
CA ALA A 334 -25.58 -11.39 18.97
C ALA A 334 -24.10 -11.47 18.62
N TYR A 335 -23.70 -12.52 17.90
CA TYR A 335 -22.31 -12.68 17.48
C TYR A 335 -21.91 -11.61 16.48
N LEU A 336 -22.59 -11.57 15.33
CA LEU A 336 -22.11 -10.77 14.22
C LEU A 336 -22.40 -9.29 14.34
N ASP A 337 -23.40 -8.90 15.12
CA ASP A 337 -23.80 -7.50 15.14
C ASP A 337 -22.93 -6.65 16.06
N ASN A 338 -22.00 -7.26 16.81
CA ASN A 338 -21.35 -6.55 17.92
C ASN A 338 -19.83 -6.64 17.91
N PHE A 339 -19.24 -6.94 16.76
CA PHE A 339 -17.79 -6.86 16.63
C PHE A 339 -17.34 -5.41 16.54
N SER A 340 -16.19 -5.12 17.16
CA SER A 340 -15.64 -3.76 17.16
C SER A 340 -14.69 -3.49 15.99
N LEU A 341 -13.97 -4.52 15.54
CA LEU A 341 -12.98 -4.37 14.48
C LEU A 341 -13.37 -5.12 13.22
N PHE A 342 -13.72 -6.40 13.33
CA PHE A 342 -14.17 -7.15 12.17
C PHE A 342 -15.43 -6.51 11.60
N SER A 343 -15.42 -6.30 10.29
CA SER A 343 -16.58 -5.79 9.58
C SER A 343 -17.25 -6.92 8.79
N MET A 344 -18.58 -6.89 8.74
CA MET A 344 -19.33 -7.85 7.95
C MET A 344 -19.46 -7.31 6.53
N ALA A 345 -18.86 -8.01 5.58
CA ALA A 345 -18.88 -7.57 4.19
C ALA A 345 -18.38 -8.72 3.34
N TYR A 346 -18.72 -8.67 2.05
CA TYR A 346 -18.13 -9.57 1.09
C TYR A 346 -16.79 -9.04 0.62
N SER A 347 -16.11 -9.86 -0.18
CA SER A 347 -14.74 -9.64 -0.62
C SER A 347 -13.74 -9.79 0.52
N TRP A 348 -12.48 -9.52 0.21
CA TRP A 348 -11.36 -9.78 1.10
C TRP A 348 -10.09 -9.31 0.40
N GLY A 349 -8.95 -9.47 1.05
CA GLY A 349 -7.71 -9.06 0.45
C GLY A 349 -7.27 -7.65 0.76
N GLY A 350 -8.00 -6.92 1.60
CA GLY A 350 -7.68 -5.56 1.96
C GLY A 350 -7.00 -5.44 3.31
N PHE A 351 -6.95 -4.20 3.82
CA PHE A 351 -6.35 -3.94 5.12
C PHE A 351 -7.34 -4.17 6.27
N GLU A 352 -8.64 -4.20 5.96
CA GLU A 352 -9.68 -4.37 6.97
C GLU A 352 -9.98 -5.84 7.18
N SER A 353 -10.07 -6.25 8.45
CA SER A 353 -10.51 -7.60 8.77
C SER A 353 -12.01 -7.73 8.58
N LEU A 354 -12.43 -8.87 8.03
CA LEU A 354 -13.83 -9.08 7.68
C LEU A 354 -14.33 -10.42 8.22
N ILE A 355 -15.65 -10.51 8.38
CA ILE A 355 -16.28 -11.69 8.92
C ILE A 355 -17.59 -11.97 8.18
N LEU A 356 -17.84 -13.25 7.92
CA LEU A 356 -19.07 -13.72 7.31
C LEU A 356 -19.44 -15.07 7.93
N ALA A 357 -20.72 -15.38 7.94
CA ALA A 357 -21.20 -16.65 8.47
C ALA A 357 -22.01 -17.39 7.42
N ASN A 358 -21.95 -18.72 7.49
CA ASN A 358 -22.73 -19.64 6.65
C ASN A 358 -23.16 -20.82 7.51
N GLN A 359 -24.42 -21.21 7.42
CA GLN A 359 -24.84 -22.46 8.03
C GLN A 359 -24.44 -23.64 7.15
N PRO A 360 -24.37 -24.85 7.72
CA PRO A 360 -23.93 -26.00 6.91
C PRO A 360 -24.75 -26.20 5.64
N GLU A 361 -26.07 -26.00 5.71
CA GLU A 361 -26.89 -26.24 4.52
C GLU A 361 -26.63 -25.20 3.43
N HIS A 362 -26.19 -24.00 3.82
CA HIS A 362 -25.82 -23.00 2.83
C HIS A 362 -24.61 -23.46 2.02
N ILE A 363 -23.64 -24.07 2.70
CA ILE A 363 -22.48 -24.60 1.99
C ILE A 363 -22.86 -25.84 1.20
N ALA A 364 -23.71 -26.70 1.76
CA ALA A 364 -24.14 -27.90 1.03
C ALA A 364 -24.77 -27.51 -0.30
N ALA A 365 -25.52 -26.40 -0.32
CA ALA A 365 -26.19 -25.98 -1.54
C ALA A 365 -25.21 -25.60 -2.64
N ILE A 366 -23.96 -25.27 -2.29
CA ILE A 366 -22.97 -24.87 -3.28
C ILE A 366 -21.82 -25.88 -3.33
N ARG A 367 -22.09 -27.13 -2.97
CA ARG A 367 -21.13 -28.24 -3.09
C ARG A 367 -21.79 -29.30 -3.95
N PRO A 368 -21.82 -29.10 -5.27
CA PRO A 368 -22.54 -30.03 -6.15
C PRO A 368 -22.07 -31.47 -5.98
N GLU A 369 -23.05 -32.37 -5.86
CA GLU A 369 -22.81 -33.81 -5.78
C GLU A 369 -21.98 -34.20 -4.58
N ALA A 370 -22.01 -33.36 -3.54
CA ALA A 370 -21.28 -33.62 -2.32
C ALA A 370 -22.15 -33.24 -1.13
N GLU A 371 -21.80 -33.80 0.02
CA GLU A 371 -22.37 -33.39 1.29
C GLU A 371 -21.27 -32.74 2.13
N VAL A 372 -21.68 -31.91 3.07
CA VAL A 372 -20.72 -31.27 3.97
C VAL A 372 -20.51 -32.20 5.16
N ASP A 373 -19.34 -32.09 5.78
CA ASP A 373 -18.94 -32.98 6.87
C ASP A 373 -18.90 -32.26 8.21
N PHE A 374 -19.63 -31.17 8.36
CA PHE A 374 -19.72 -30.45 9.62
C PHE A 374 -21.16 -30.04 9.84
N SER A 375 -21.49 -29.77 11.10
CA SER A 375 -22.82 -29.34 11.47
C SER A 375 -22.85 -28.02 12.19
N GLY A 376 -21.71 -27.48 12.61
CA GLY A 376 -21.69 -26.19 13.24
C GLY A 376 -21.73 -25.05 12.23
N THR A 377 -22.04 -23.86 12.72
CA THR A 377 -21.99 -22.67 11.89
C THR A 377 -20.55 -22.40 11.45
N LEU A 378 -20.37 -22.06 10.17
CA LEU A 378 -19.05 -21.78 9.63
C LEU A 378 -18.84 -20.28 9.57
N ILE A 379 -17.67 -19.84 10.02
CA ILE A 379 -17.29 -18.43 10.04
C ILE A 379 -16.09 -18.26 9.11
N ARG A 380 -16.20 -17.37 8.13
CA ARG A 380 -15.06 -17.04 7.28
C ARG A 380 -14.46 -15.72 7.75
N LEU A 381 -13.16 -15.72 8.00
CA LEU A 381 -12.45 -14.53 8.43
C LEU A 381 -11.49 -14.10 7.33
N HIS A 382 -11.44 -12.80 7.07
CA HIS A 382 -10.28 -12.21 6.42
C HIS A 382 -9.49 -11.45 7.48
N ILE A 383 -8.22 -11.78 7.63
CA ILE A 383 -7.36 -11.15 8.62
C ILE A 383 -6.59 -10.04 7.93
N GLY A 384 -6.90 -8.80 8.30
CA GLY A 384 -6.27 -7.62 7.74
C GLY A 384 -5.00 -7.26 8.44
N LEU A 385 -4.72 -5.95 8.47
CA LEU A 385 -3.44 -5.42 8.95
C LEU A 385 -3.51 -4.87 10.36
N GLU A 386 -4.63 -5.07 11.06
CA GLU A 386 -4.72 -4.62 12.43
C GLU A 386 -3.77 -5.41 13.33
N ASN A 387 -3.53 -4.88 14.53
N ASN A 387 -3.52 -4.88 14.53
CA ASN A 387 -2.74 -5.62 15.50
CA ASN A 387 -2.72 -5.61 15.52
C ASN A 387 -3.45 -6.92 15.86
C ASN A 387 -3.44 -6.91 15.89
N VAL A 388 -2.73 -8.04 15.74
CA VAL A 388 -3.39 -9.34 15.87
C VAL A 388 -3.99 -9.52 17.26
N ASP A 389 -3.34 -8.98 18.29
CA ASP A 389 -3.90 -9.13 19.64
C ASP A 389 -5.24 -8.41 19.77
N ASP A 390 -5.43 -7.30 19.06
CA ASP A 390 -6.73 -6.63 19.07
C ASP A 390 -7.78 -7.48 18.36
N LEU A 391 -7.40 -8.13 17.25
CA LEU A 391 -8.32 -9.03 16.56
C LEU A 391 -8.69 -10.22 17.43
N LEU A 392 -7.71 -10.77 18.15
CA LEU A 392 -8.00 -11.89 19.04
C LEU A 392 -8.98 -11.47 20.14
N ALA A 393 -8.79 -10.27 20.71
CA ALA A 393 -9.71 -9.77 21.72
C ALA A 393 -11.11 -9.59 21.15
N ASP A 394 -11.20 -9.12 19.89
CA ASP A 394 -12.49 -9.01 19.24
C ASP A 394 -13.16 -10.37 19.09
N LEU A 395 -12.39 -11.37 18.65
CA LEU A 395 -12.96 -12.70 18.51
C LEU A 395 -13.35 -13.29 19.87
N ALA A 396 -12.51 -13.08 20.89
CA ALA A 396 -12.84 -13.59 22.22
C ALA A 396 -14.14 -12.98 22.74
N ALA A 397 -14.35 -11.68 22.49
CA ALA A 397 -15.60 -11.06 22.93
C ALA A 397 -16.80 -11.69 22.21
N GLY A 398 -16.63 -11.99 20.92
CA GLY A 398 -17.67 -12.70 20.19
C GLY A 398 -17.98 -14.07 20.78
N PHE A 399 -16.94 -14.83 21.13
CA PHE A 399 -17.18 -16.13 21.74
C PHE A 399 -17.99 -16.00 23.02
N ALA A 400 -17.69 -14.96 23.81
CA ALA A 400 -18.41 -14.76 25.06
C ALA A 400 -19.88 -14.43 24.83
N ARG A 401 -20.21 -13.85 23.67
CA ARG A 401 -21.60 -13.49 23.41
C ARG A 401 -22.47 -14.70 23.05
N ILE A 402 -21.85 -15.82 22.66
CA ILE A 402 -22.59 -17.01 22.25
C ILE A 402 -22.33 -18.21 23.15
N VAL A 403 -21.50 -18.07 24.18
CA VAL A 403 -21.13 -19.22 25.00
C VAL A 403 -22.40 -19.75 25.66
N ASP B 11 2.96 2.28 19.26
CA ASP B 11 2.03 1.72 20.23
C ASP B 11 1.58 0.33 19.80
N LYS B 12 1.26 -0.52 20.78
CA LYS B 12 0.76 -1.86 20.49
C LYS B 12 -0.55 -1.87 19.74
N HIS B 13 -1.16 -0.70 19.54
CA HIS B 13 -2.41 -0.58 18.80
C HIS B 13 -2.28 0.35 17.60
N LEU B 14 -1.06 0.72 17.21
CA LEU B 14 -0.88 1.65 16.11
C LEU B 14 -1.46 1.10 14.81
N ASP B 15 -1.23 -0.18 14.53
CA ASP B 15 -1.74 -0.73 13.26
C ASP B 15 -3.27 -0.72 13.25
N THR B 16 -3.90 -1.05 14.38
CA THR B 16 -5.36 -0.97 14.46
C THR B 16 -5.82 0.46 14.28
N ALA B 17 -5.13 1.41 14.92
CA ALA B 17 -5.47 2.81 14.75
C ALA B 17 -5.32 3.25 13.30
N LEU B 18 -4.26 2.82 12.63
CA LEU B 18 -4.04 3.22 11.25
C LEU B 18 -5.15 2.71 10.35
N VAL B 19 -5.60 1.47 10.58
CA VAL B 19 -6.65 0.89 9.74
C VAL B 19 -7.97 1.61 9.93
N ASN B 20 -8.24 2.13 11.12
CA ASN B 20 -9.56 2.65 11.42
C ASN B 20 -9.65 4.18 11.45
N ALA B 21 -8.53 4.89 11.44
CA ALA B 21 -8.56 6.32 11.65
C ALA B 21 -9.39 7.02 10.58
N GLY B 22 -10.23 7.97 11.02
CA GLY B 22 -11.03 8.77 10.13
C GLY B 22 -12.24 8.10 9.54
N ARG B 23 -12.48 6.83 9.84
CA ARG B 23 -13.57 6.09 9.21
C ARG B 23 -14.80 6.14 10.10
N ARG B 24 -15.70 7.06 9.76
CA ARG B 24 -17.02 7.19 10.37
C ARG B 24 -18.03 7.06 9.24
N LYS B 25 -19.23 6.59 9.57
CA LYS B 25 -20.22 6.29 8.53
C LYS B 25 -20.56 7.50 7.69
N LYS B 26 -20.57 8.70 8.27
CA LYS B 26 -20.93 9.86 7.46
C LYS B 26 -19.92 10.10 6.35
N TYR B 27 -18.68 9.60 6.49
CA TYR B 27 -17.68 9.74 5.45
C TYR B 27 -17.62 8.53 4.51
N THR B 28 -17.86 7.32 5.02
CA THR B 28 -17.68 6.11 4.22
C THR B 28 -18.95 5.63 3.55
N GLN B 29 -20.11 5.89 4.16
CA GLN B 29 -21.41 5.65 3.53
C GLN B 29 -21.54 4.21 3.04
N GLY B 30 -20.93 3.27 3.76
CA GLY B 30 -21.06 1.86 3.47
C GLY B 30 -19.81 1.20 2.94
N SER B 31 -18.87 1.98 2.41
CA SER B 31 -17.63 1.39 1.92
C SER B 31 -16.60 1.37 3.05
N VAL B 32 -15.48 0.71 2.79
CA VAL B 32 -14.42 0.66 3.77
C VAL B 32 -13.69 2.00 3.83
N ASN B 33 -13.38 2.56 2.66
CA ASN B 33 -12.73 3.85 2.54
C ASN B 33 -13.75 4.98 2.46
N SER B 34 -13.32 6.19 2.79
N SER B 34 -13.31 6.20 2.76
CA SER B 34 -14.19 7.34 2.61
CA SER B 34 -14.16 7.36 2.62
C SER B 34 -14.60 7.46 1.14
C SER B 34 -14.52 7.60 1.16
N VAL B 35 -15.74 8.10 0.93
CA VAL B 35 -16.13 8.45 -0.43
C VAL B 35 -15.21 9.57 -0.90
N ILE B 36 -15.10 9.72 -2.22
CA ILE B 36 -14.41 10.85 -2.83
C ILE B 36 -15.49 11.82 -3.26
N GLN B 37 -15.56 12.95 -2.57
CA GLN B 37 -16.53 14.00 -2.88
C GLN B 37 -15.76 15.13 -3.53
N ARG B 38 -15.91 15.27 -4.84
CA ARG B 38 -15.25 16.34 -5.59
C ARG B 38 -16.20 17.52 -5.67
N ALA B 39 -15.76 18.68 -5.18
CA ALA B 39 -16.67 19.82 -5.15
C ALA B 39 -15.93 21.12 -4.90
N SER B 40 -16.36 22.16 -5.60
CA SER B 40 -16.25 23.53 -5.11
C SER B 40 -17.60 23.86 -4.47
N SER B 41 -18.63 24.02 -5.29
CA SER B 41 -19.99 24.24 -4.79
C SER B 41 -20.41 23.13 -3.84
N LEU B 42 -20.92 23.51 -2.67
CA LEU B 42 -21.63 22.59 -1.78
C LEU B 42 -23.01 23.18 -1.55
N VAL B 43 -24.04 22.36 -1.75
CA VAL B 43 -25.40 22.84 -1.89
C VAL B 43 -26.08 22.92 -0.53
N PHE B 44 -26.70 24.06 -0.25
CA PHE B 44 -27.54 24.23 0.92
C PHE B 44 -29.00 24.06 0.54
N ASP B 45 -29.69 23.14 1.22
CA ASP B 45 -31.08 22.91 0.88
C ASP B 45 -31.99 24.04 1.35
N THR B 46 -31.57 24.78 2.37
CA THR B 46 -32.39 25.82 2.97
C THR B 46 -31.49 26.90 3.52
N VAL B 47 -32.07 28.08 3.73
CA VAL B 47 -31.37 29.16 4.43
C VAL B 47 -30.90 28.68 5.80
N GLU B 48 -31.74 27.93 6.52
N GLU B 48 -31.76 27.96 6.52
CA GLU B 48 -31.32 27.45 7.83
CA GLU B 48 -31.35 27.41 7.81
C GLU B 48 -30.08 26.55 7.72
C GLU B 48 -30.06 26.61 7.67
N ALA B 49 -30.03 25.70 6.70
CA ALA B 49 -28.85 24.85 6.51
C ALA B 49 -27.63 25.68 6.15
N LYS B 50 -27.81 26.74 5.36
CA LYS B 50 -26.68 27.60 5.03
C LYS B 50 -26.16 28.34 6.26
N LYS B 51 -27.07 28.79 7.13
CA LYS B 51 -26.63 29.45 8.36
C LYS B 51 -25.83 28.49 9.22
N HIS B 52 -26.29 27.25 9.35
CA HIS B 52 -25.58 26.27 10.15
C HIS B 52 -24.22 25.95 9.53
N ALA B 53 -24.17 25.81 8.21
CA ALA B 53 -22.91 25.56 7.51
C ALA B 53 -21.93 26.72 7.71
N THR B 54 -22.44 27.95 7.64
CA THR B 54 -21.58 29.12 7.80
C THR B 54 -20.99 29.16 9.20
N ARG B 55 -21.83 28.97 10.22
CA ARG B 55 -21.34 29.00 11.59
C ARG B 55 -20.23 27.97 11.79
N ASN B 56 -20.38 26.81 11.18
CA ASN B 56 -19.51 25.67 11.39
C ASN B 56 -18.62 25.37 10.18
N ARG B 57 -18.31 26.41 9.41
CA ARG B 57 -17.59 26.21 8.15
C ARG B 57 -16.15 25.76 8.37
N ALA B 58 -15.61 25.91 9.58
CA ALA B 58 -14.30 25.38 9.92
C ALA B 58 -14.37 24.20 10.88
N LYS B 59 -15.56 23.63 11.07
CA LYS B 59 -15.79 22.58 12.06
C LYS B 59 -16.46 21.36 11.44
N GLY B 60 -16.13 21.06 10.19
CA GLY B 60 -16.56 19.80 9.61
C GLY B 60 -17.98 19.74 9.10
N GLU B 61 -18.62 20.88 8.89
CA GLU B 61 -19.90 20.92 8.19
C GLU B 61 -19.64 21.39 6.76
N LEU B 62 -20.31 20.76 5.80
CA LEU B 62 -20.09 21.10 4.40
C LEU B 62 -20.51 22.54 4.14
N PHE B 63 -19.57 23.33 3.60
CA PHE B 63 -19.78 24.76 3.37
C PHE B 63 -19.29 25.17 1.99
N TYR B 64 -18.01 24.94 1.72
CA TYR B 64 -17.42 25.30 0.43
C TYR B 64 -16.19 24.44 0.22
N GLY B 65 -15.94 24.05 -1.03
CA GLY B 65 -14.84 23.14 -1.31
C GLY B 65 -13.49 23.60 -0.81
N ARG B 66 -13.28 24.92 -0.71
CA ARG B 66 -11.98 25.40 -0.23
C ARG B 66 -11.77 25.05 1.24
N ARG B 67 -12.86 24.89 2.00
CA ARG B 67 -12.79 24.43 3.38
C ARG B 67 -12.68 22.92 3.47
N GLY B 68 -13.14 22.19 2.45
CA GLY B 68 -13.09 20.75 2.43
C GLY B 68 -14.43 20.11 2.11
N THR B 69 -14.39 18.86 1.66
CA THR B 69 -15.56 18.01 1.49
C THR B 69 -15.45 16.87 2.52
N LEU B 70 -16.38 15.91 2.43
CA LEU B 70 -16.34 14.77 3.34
C LEU B 70 -14.99 14.08 3.30
N THR B 71 -14.37 14.02 2.13
CA THR B 71 -13.10 13.34 1.96
C THR B 71 -12.00 14.02 2.76
N HIS B 72 -11.96 15.36 2.73
CA HIS B 72 -10.97 16.07 3.53
C HIS B 72 -11.25 15.88 5.02
N PHE B 73 -12.52 15.98 5.42
CA PHE B 73 -12.85 15.87 6.84
C PHE B 73 -12.38 14.53 7.40
N SER B 74 -12.57 13.45 6.64
CA SER B 74 -12.15 12.12 7.05
C SER B 74 -10.64 12.07 7.26
N LEU B 75 -9.86 12.63 6.33
CA LEU B 75 -8.42 12.67 6.49
C LEU B 75 -8.02 13.50 7.70
N GLN B 76 -8.66 14.67 7.87
CA GLN B 76 -8.34 15.54 8.99
C GLN B 76 -8.59 14.82 10.32
N GLU B 77 -9.73 14.15 10.44
CA GLU B 77 -9.98 13.37 11.65
C GLU B 77 -8.91 12.31 11.85
N ALA B 78 -8.50 11.63 10.78
CA ALA B 78 -7.48 10.60 10.91
C ALA B 78 -6.15 11.20 11.39
N MET B 79 -5.74 12.32 10.80
CA MET B 79 -4.46 12.93 11.19
C MET B 79 -4.51 13.42 12.63
N CYS B 80 -5.65 13.98 13.05
CA CYS B 80 -5.75 14.45 14.43
C CYS B 80 -5.72 13.30 15.41
N GLU B 81 -6.36 12.17 15.08
N GLU B 81 -6.29 12.16 15.03
CA GLU B 81 -6.27 11.02 15.97
CA GLU B 81 -6.34 10.98 15.90
C GLU B 81 -4.82 10.56 16.07
C GLU B 81 -4.98 10.29 16.00
N LEU B 82 -4.19 10.31 14.92
CA LEU B 82 -2.88 9.68 14.93
C LEU B 82 -1.81 10.58 15.56
N GLU B 83 -1.88 11.89 15.34
CA GLU B 83 -0.88 12.79 15.90
C GLU B 83 -1.35 13.52 17.15
N GLY B 84 -2.57 13.27 17.61
CA GLY B 84 -3.02 13.83 18.87
C GLY B 84 -3.18 15.33 18.86
N GLY B 85 -3.82 15.87 17.82
CA GLY B 85 -4.00 17.30 17.68
C GLY B 85 -5.47 17.70 17.69
N ALA B 86 -5.67 19.02 17.74
CA ALA B 86 -6.98 19.64 17.69
C ALA B 86 -7.46 19.90 16.27
N GLY B 87 -6.54 20.01 15.32
CA GLY B 87 -6.92 20.22 13.95
C GLY B 87 -5.76 19.94 13.03
N CYS B 88 -6.09 19.65 11.78
CA CYS B 88 -5.13 19.34 10.74
C CYS B 88 -5.42 20.21 9.53
N ALA B 89 -4.45 21.05 9.16
CA ALA B 89 -4.55 21.87 7.96
C ALA B 89 -3.89 21.12 6.80
N LEU B 90 -4.46 21.27 5.61
CA LEU B 90 -4.00 20.57 4.42
C LEU B 90 -3.47 21.55 3.38
N PHE B 91 -2.47 21.10 2.63
CA PHE B 91 -1.70 21.96 1.73
C PHE B 91 -1.37 21.20 0.45
N PRO B 92 -1.04 21.91 -0.63
CA PRO B 92 -0.72 21.22 -1.90
C PRO B 92 0.54 20.37 -1.85
N CYS B 93 1.46 20.61 -0.92
CA CYS B 93 2.66 19.78 -0.79
C CYS B 93 3.32 20.07 0.54
N GLY B 94 4.39 19.32 0.83
CA GLY B 94 5.11 19.55 2.07
C GLY B 94 5.72 20.93 2.17
N ALA B 95 6.31 21.42 1.07
CA ALA B 95 6.94 22.73 1.12
C ALA B 95 5.92 23.83 1.38
N ALA B 96 4.70 23.68 0.85
CA ALA B 96 3.65 24.67 1.12
C ALA B 96 3.21 24.60 2.58
N ALA B 97 3.17 23.41 3.16
CA ALA B 97 2.81 23.28 4.57
C ALA B 97 3.83 24.01 5.44
N VAL B 98 5.11 23.80 5.18
CA VAL B 98 6.14 24.48 5.97
C VAL B 98 6.00 26.00 5.82
N ALA B 99 6.00 26.48 4.58
CA ALA B 99 6.01 27.92 4.35
C ALA B 99 4.77 28.60 4.93
N ASN B 100 3.59 28.02 4.72
CA ASN B 100 2.38 28.67 5.17
C ASN B 100 2.12 28.47 6.66
N THR B 101 2.65 27.40 7.27
CA THR B 101 2.51 27.26 8.72
C THR B 101 3.38 28.28 9.43
N ILE B 102 4.62 28.49 8.97
CA ILE B 102 5.43 29.57 9.54
C ILE B 102 4.74 30.90 9.31
N LEU B 103 4.32 31.17 8.07
CA LEU B 103 3.72 32.46 7.74
C LEU B 103 2.50 32.75 8.60
N ALA B 104 1.76 31.72 8.98
CA ALA B 104 0.53 31.92 9.74
C ALA B 104 0.79 32.55 11.10
N PHE B 105 2.03 32.52 11.60
CA PHE B 105 2.30 32.94 12.97
C PHE B 105 3.35 34.02 13.10
N VAL B 106 3.85 34.60 12.01
CA VAL B 106 4.81 35.68 12.10
C VAL B 106 4.18 36.97 11.57
N GLU B 107 4.77 38.09 11.98
CA GLU B 107 4.39 39.40 11.48
C GLU B 107 5.67 40.23 11.45
N GLN B 108 5.59 41.36 10.74
N GLN B 108 5.60 41.36 10.76
CA GLN B 108 6.73 42.26 10.65
CA GLN B 108 6.76 42.23 10.62
C GLN B 108 7.33 42.48 12.04
C GLN B 108 7.34 42.54 12.00
N GLY B 109 8.65 42.38 12.12
CA GLY B 109 9.35 42.54 13.37
C GLY B 109 9.61 41.26 14.13
N ASP B 110 9.03 40.14 13.71
CA ASP B 110 9.23 38.89 14.41
C ASP B 110 10.56 38.25 14.02
N HIS B 111 10.99 37.27 14.83
CA HIS B 111 12.21 36.52 14.62
C HIS B 111 11.88 35.03 14.63
N VAL B 112 12.46 34.30 13.67
CA VAL B 112 12.31 32.86 13.55
C VAL B 112 13.65 32.22 13.89
N LEU B 113 13.63 31.19 14.74
CA LEU B 113 14.82 30.44 15.10
C LEU B 113 14.65 29.03 14.53
N MET B 114 15.51 28.68 13.57
CA MET B 114 15.36 27.46 12.79
C MET B 114 16.64 26.64 12.82
N THR B 115 16.50 25.32 12.95
CA THR B 115 17.68 24.46 12.92
C THR B 115 18.36 24.60 11.56
N ASN B 116 19.70 24.64 11.58
CA ASN B 116 20.41 24.81 10.31
C ASN B 116 20.51 23.52 9.52
N THR B 117 19.91 22.43 10.01
CA THR B 117 19.74 21.21 9.24
C THR B 117 18.34 21.11 8.62
N ALA B 118 17.61 22.22 8.59
CA ALA B 118 16.27 22.20 8.00
C ALA B 118 16.35 21.97 6.50
N TYR B 119 15.27 21.38 5.98
CA TYR B 119 15.09 21.21 4.53
C TYR B 119 15.40 22.51 3.80
N GLU B 120 16.22 22.40 2.74
CA GLU B 120 16.72 23.60 2.07
C GLU B 120 15.60 24.54 1.63
N PRO B 121 14.52 24.07 1.00
CA PRO B 121 13.42 25.01 0.68
C PRO B 121 12.79 25.67 1.89
N SER B 122 12.83 25.04 3.06
CA SER B 122 12.35 25.69 4.26
C SER B 122 13.26 26.85 4.65
N GLN B 123 14.58 26.65 4.54
CA GLN B 123 15.52 27.73 4.76
C GLN B 123 15.30 28.86 3.76
N ASP B 124 15.16 28.49 2.48
CA ASP B 124 15.00 29.50 1.43
C ASP B 124 13.71 30.29 1.61
N PHE B 125 12.64 29.64 2.08
CA PHE B 125 11.43 30.41 2.38
C PHE B 125 11.74 31.51 3.38
N CYS B 126 12.53 31.18 4.41
CA CYS B 126 12.85 32.16 5.43
C CYS B 126 13.73 33.28 4.88
N THR B 127 14.77 32.93 4.12
CA THR B 127 15.75 33.93 3.72
C THR B 127 15.30 34.73 2.51
N LYS B 128 14.41 34.18 1.67
CA LYS B 128 14.00 34.84 0.45
C LYS B 128 12.60 35.42 0.48
N ILE B 129 11.71 34.91 1.32
CA ILE B 129 10.36 35.43 1.46
C ILE B 129 10.19 36.22 2.74
N LEU B 130 10.49 35.61 3.88
CA LEU B 130 10.22 36.26 5.15
C LEU B 130 11.10 37.48 5.34
N ALA B 131 12.35 37.41 4.88
CA ALA B 131 13.29 38.51 5.13
C ALA B 131 12.78 39.81 4.54
N LYS B 132 12.19 39.77 3.35
CA LYS B 132 11.68 40.97 2.69
C LYS B 132 10.34 41.44 3.27
N LEU B 133 9.76 40.67 4.20
CA LEU B 133 8.52 41.06 4.85
C LEU B 133 8.74 41.50 6.29
N GLY B 134 9.99 41.68 6.69
CA GLY B 134 10.30 42.17 8.01
C GLY B 134 10.48 41.13 9.08
N VAL B 135 10.60 39.86 8.70
CA VAL B 135 10.82 38.76 9.64
C VAL B 135 12.24 38.24 9.44
N THR B 136 12.99 38.17 10.53
CA THR B 136 14.37 37.73 10.51
C THR B 136 14.48 36.28 10.96
N THR B 137 15.60 35.65 10.58
CA THR B 137 15.82 34.24 10.89
C THR B 137 17.23 34.02 11.43
N GLY B 138 17.31 33.37 12.59
CA GLY B 138 18.55 32.87 13.12
C GLY B 138 18.56 31.34 13.09
N TRP B 139 19.75 30.79 13.34
CA TRP B 139 19.99 29.37 13.14
C TRP B 139 20.57 28.75 14.40
N PHE B 140 20.40 27.44 14.53
CA PHE B 140 21.01 26.72 15.63
C PHE B 140 21.43 25.33 15.17
N ASP B 141 22.50 24.85 15.78
CA ASP B 141 22.98 23.49 15.57
C ASP B 141 21.95 22.50 16.08
N PRO B 142 21.73 21.39 15.36
CA PRO B 142 20.70 20.44 15.80
C PRO B 142 20.96 19.83 17.17
N LEU B 143 22.20 19.81 17.65
CA LEU B 143 22.51 19.21 18.94
C LEU B 143 22.64 20.25 20.06
N ILE B 144 22.16 21.47 19.82
CA ILE B 144 22.30 22.55 20.80
C ILE B 144 21.61 22.21 22.12
N GLY B 145 20.55 21.41 22.08
CA GLY B 145 19.88 21.04 23.32
C GLY B 145 19.47 22.24 24.14
N ALA B 146 19.71 22.15 25.46
CA ALA B 146 19.26 23.20 26.36
C ALA B 146 19.91 24.55 26.07
N ASP B 147 21.06 24.56 25.41
CA ASP B 147 21.74 25.82 25.14
C ASP B 147 21.01 26.69 24.12
N ILE B 148 19.87 26.24 23.60
CA ILE B 148 19.11 27.07 22.68
C ILE B 148 18.51 28.28 23.39
N ALA B 149 18.40 28.24 24.72
CA ALA B 149 17.86 29.36 25.47
C ALA B 149 18.66 30.63 25.25
N ASN B 150 19.95 30.50 24.92
CA ASN B 150 20.80 31.66 24.72
C ASN B 150 20.57 32.35 23.39
N LEU B 151 19.87 31.71 22.45
CA LEU B 151 19.62 32.30 21.14
C LEU B 151 18.24 32.94 21.05
N ILE B 152 17.39 32.75 22.04
CA ILE B 152 16.02 33.25 21.99
C ILE B 152 16.04 34.75 22.26
N GLN B 153 15.34 35.50 21.42
CA GLN B 153 15.28 36.95 21.48
C GLN B 153 13.89 37.42 21.91
N PRO B 154 13.78 38.67 22.38
CA PRO B 154 12.46 39.18 22.79
C PRO B 154 11.42 39.13 21.68
N ASN B 155 11.84 39.10 20.43
CA ASN B 155 10.93 39.07 19.29
C ASN B 155 10.84 37.69 18.65
N THR B 156 11.46 36.68 19.25
CA THR B 156 11.40 35.34 18.69
C THR B 156 10.00 34.76 18.87
N LYS B 157 9.32 34.51 17.74
CA LYS B 157 7.96 34.00 17.73
C LYS B 157 7.87 32.53 17.39
N VAL B 158 8.78 32.01 16.56
CA VAL B 158 8.73 30.64 16.07
C VAL B 158 10.08 29.98 16.31
N VAL B 159 10.04 28.77 16.87
CA VAL B 159 11.22 27.90 16.96
C VAL B 159 10.94 26.67 16.09
N PHE B 160 11.73 26.47 15.05
CA PHE B 160 11.44 25.48 14.02
C PHE B 160 12.43 24.33 14.09
N LEU B 161 11.93 23.14 14.42
CA LEU B 161 12.72 21.93 14.54
C LEU B 161 12.55 21.05 13.30
N GLU B 162 13.54 20.20 13.08
CA GLU B 162 13.42 19.14 12.08
C GLU B 162 14.31 18.00 12.56
N SER B 163 13.70 16.88 12.96
CA SER B 163 14.44 15.78 13.56
C SER B 163 13.93 14.42 13.05
N PRO B 164 14.78 13.61 12.41
N PRO B 164 14.79 13.61 12.41
CA PRO B 164 16.18 13.88 12.03
CA PRO B 164 16.19 13.89 12.06
C PRO B 164 16.28 15.03 11.04
C PRO B 164 16.30 14.96 10.99
N GLY B 165 17.45 15.65 10.92
CA GLY B 165 17.63 16.71 9.96
C GLY B 165 17.65 16.19 8.54
N SER B 166 17.45 17.11 7.60
CA SER B 166 17.49 16.75 6.19
C SER B 166 18.89 16.31 5.80
N ILE B 167 18.96 15.20 5.06
CA ILE B 167 20.16 14.73 4.39
C ILE B 167 21.19 14.18 5.37
N THR B 168 21.55 14.97 6.39
CA THR B 168 22.58 14.56 7.33
C THR B 168 22.05 13.85 8.56
N MET B 169 20.75 13.93 8.84
CA MET B 169 20.03 13.00 9.71
C MET B 169 20.29 13.22 11.20
N GLU B 170 20.78 14.38 11.62
CA GLU B 170 21.03 14.61 13.03
C GLU B 170 19.72 14.73 13.81
N VAL B 171 19.63 14.03 14.96
CA VAL B 171 18.42 13.99 15.77
C VAL B 171 18.51 15.02 16.88
N HIS B 172 17.45 15.81 17.06
CA HIS B 172 17.41 16.77 18.15
C HIS B 172 17.23 16.06 19.49
N ASP B 173 17.62 16.75 20.56
CA ASP B 173 17.16 16.45 21.92
C ASP B 173 15.93 17.31 22.16
N VAL B 174 14.78 16.83 21.68
CA VAL B 174 13.57 17.65 21.74
C VAL B 174 13.18 17.97 23.17
N PRO B 175 13.19 17.03 24.12
CA PRO B 175 12.85 17.40 25.50
C PRO B 175 13.70 18.54 26.04
N ALA B 176 15.00 18.51 25.77
CA ALA B 176 15.87 19.58 26.23
C ALA B 176 15.55 20.90 25.54
N ILE B 177 15.31 20.86 24.22
CA ILE B 177 15.03 22.08 23.48
C ILE B 177 13.70 22.69 23.95
N VAL B 178 12.66 21.86 24.04
CA VAL B 178 11.35 22.37 24.42
C VAL B 178 11.39 22.99 25.81
N ALA B 179 12.00 22.28 26.77
CA ALA B 179 12.05 22.79 28.13
C ALA B 179 12.77 24.12 28.20
N ALA B 180 13.87 24.27 27.46
CA ALA B 180 14.59 25.54 27.45
C ALA B 180 13.72 26.64 26.84
N VAL B 181 13.02 26.34 25.75
CA VAL B 181 12.18 27.35 25.12
C VAL B 181 11.07 27.80 26.05
N ARG B 182 10.42 26.85 26.73
CA ARG B 182 9.32 27.20 27.63
C ARG B 182 9.80 27.98 28.84
N ARG B 183 11.08 27.86 29.22
CA ARG B 183 11.59 28.66 30.31
C ARG B 183 11.74 30.12 29.91
N VAL B 184 12.21 30.37 28.68
CA VAL B 184 12.58 31.71 28.25
C VAL B 184 11.44 32.42 27.54
N ALA B 185 10.76 31.73 26.63
CA ALA B 185 9.65 32.32 25.87
C ALA B 185 8.51 31.32 25.82
N PRO B 186 7.73 31.22 26.90
CA PRO B 186 6.70 30.17 26.96
C PRO B 186 5.65 30.24 25.86
N GLU B 187 5.35 31.44 25.35
CA GLU B 187 4.33 31.60 24.33
C GLU B 187 4.87 31.41 22.91
N ALA B 188 6.15 31.07 22.77
CA ALA B 188 6.70 30.79 21.45
C ALA B 188 5.94 29.63 20.80
N ILE B 189 5.87 29.68 19.47
CA ILE B 189 5.26 28.60 18.67
C ILE B 189 6.39 27.66 18.27
N ILE B 190 6.40 26.47 18.85
CA ILE B 190 7.39 25.46 18.50
C ILE B 190 6.81 24.58 17.40
N MET B 191 7.55 24.45 16.30
CA MET B 191 7.12 23.66 15.15
C MET B 191 8.15 22.61 14.84
N ILE B 192 7.70 21.51 14.23
CA ILE B 192 8.63 20.49 13.77
C ILE B 192 8.20 20.00 12.40
N ASP B 193 9.17 19.80 11.51
CA ASP B 193 8.96 19.06 10.27
C ASP B 193 9.21 17.60 10.63
N ASN B 194 8.12 16.84 10.79
CA ASN B 194 8.13 15.49 11.33
C ASN B 194 7.93 14.45 10.22
N THR B 195 8.34 14.81 9.01
CA THR B 195 8.11 13.95 7.84
C THR B 195 8.85 12.62 7.96
N TRP B 196 10.10 12.65 8.43
CA TRP B 196 10.88 11.42 8.48
C TRP B 196 10.19 10.36 9.33
N ALA B 197 9.55 10.77 10.43
CA ALA B 197 8.85 9.86 11.31
C ALA B 197 7.43 9.55 10.84
N ALA B 198 6.99 10.16 9.73
CA ALA B 198 5.64 10.00 9.22
C ALA B 198 4.60 10.39 10.26
N GLY B 199 4.99 11.28 11.17
CA GLY B 199 4.14 11.73 12.25
C GLY B 199 3.83 10.70 13.32
N VAL B 200 4.19 9.44 13.13
CA VAL B 200 3.79 8.38 14.05
C VAL B 200 4.96 7.74 14.78
N LEU B 201 6.19 7.83 14.28
CA LEU B 201 7.33 7.29 15.01
C LEU B 201 7.87 8.28 16.04
N PHE B 202 7.44 9.54 15.97
CA PHE B 202 7.78 10.57 16.95
C PHE B 202 6.50 11.36 17.20
N LYS B 203 5.93 11.20 18.40
CA LYS B 203 4.66 11.85 18.74
C LYS B 203 4.96 13.28 19.18
N ALA B 204 5.13 14.15 18.19
CA ALA B 204 5.65 15.49 18.44
C ALA B 204 4.82 16.25 19.47
N LEU B 205 3.49 16.19 19.36
N LEU B 205 3.49 16.20 19.35
CA LEU B 205 2.65 16.99 20.24
CA LEU B 205 2.67 17.00 20.25
C LEU B 205 2.68 16.47 21.67
C LEU B 205 2.75 16.50 21.69
N ASP B 206 3.06 15.22 21.89
CA ASP B 206 3.23 14.72 23.25
C ASP B 206 4.46 15.30 23.92
N PHE B 207 5.38 15.88 23.14
CA PHE B 207 6.62 16.44 23.66
C PHE B 207 6.53 17.94 23.91
N GLY B 208 5.35 18.54 23.76
CA GLY B 208 5.19 19.97 23.97
C GLY B 208 5.38 20.82 22.73
N ILE B 209 5.67 20.21 21.59
CA ILE B 209 5.67 20.94 20.32
C ILE B 209 4.24 21.35 19.98
N ASP B 210 4.10 22.54 19.40
CA ASP B 210 2.76 23.05 19.12
C ASP B 210 2.20 22.52 17.81
N ILE B 211 3.04 22.35 16.79
CA ILE B 211 2.56 22.01 15.45
C ILE B 211 3.51 21.01 14.82
N SER B 212 2.95 19.93 14.28
CA SER B 212 3.69 18.87 13.62
C SER B 212 3.36 18.92 12.13
N ILE B 213 4.36 19.27 11.31
CA ILE B 213 4.20 19.45 9.88
C ILE B 213 4.74 18.22 9.17
N GLN B 214 4.05 17.78 8.12
CA GLN B 214 4.51 16.66 7.31
C GLN B 214 4.40 16.95 5.83
N ALA B 215 5.40 16.52 5.07
CA ALA B 215 5.23 16.23 3.65
C ALA B 215 4.59 14.86 3.57
N ALA B 216 3.25 14.82 3.55
CA ALA B 216 2.54 13.55 3.38
C ALA B 216 2.88 12.92 2.04
N THR B 217 3.41 13.72 1.12
CA THR B 217 4.06 13.26 -0.10
C THR B 217 4.96 12.05 0.08
N LYS B 218 5.57 11.92 1.25
CA LYS B 218 6.58 10.90 1.47
CA LYS B 218 6.58 10.89 1.46
C LYS B 218 5.90 9.62 1.95
N TYR B 219 6.03 9.27 3.24
CA TYR B 219 5.56 7.95 3.64
C TYR B 219 4.04 7.82 3.67
N LEU B 220 3.31 8.90 3.96
CA LEU B 220 1.86 8.76 4.04
C LEU B 220 1.27 8.35 2.70
N ILE B 221 1.62 9.05 1.62
CA ILE B 221 1.21 8.60 0.28
C ILE B 221 1.86 7.26 -0.04
N GLY B 222 3.16 7.15 0.18
CA GLY B 222 3.86 5.89 0.19
C GLY B 222 4.17 5.28 -1.16
N HIS B 223 3.86 5.97 -2.27
CA HIS B 223 4.04 5.36 -3.58
C HIS B 223 4.61 6.32 -4.61
N SER B 224 5.16 7.44 -4.17
CA SER B 224 5.88 8.38 -5.03
C SER B 224 5.00 9.06 -6.06
N ASP B 225 3.67 9.02 -5.91
N ASP B 225 3.68 9.03 -5.93
CA ASP B 225 2.76 9.46 -6.96
CA ASP B 225 2.83 9.73 -6.89
C ASP B 225 1.71 10.45 -6.49
C ASP B 225 2.25 11.04 -6.32
N GLY B 226 1.97 11.15 -5.39
N GLY B 226 1.42 10.96 -5.29
CA GLY B 226 1.03 12.13 -4.90
CA GLY B 226 0.78 12.15 -4.77
C GLY B 226 1.72 13.11 -3.99
C GLY B 226 1.75 13.12 -4.11
N MET B 227 1.30 14.38 -4.02
CA MET B 227 1.97 15.42 -3.24
C MET B 227 0.92 16.11 -2.38
N ILE B 228 1.28 16.36 -1.13
CA ILE B 228 0.35 16.90 -0.14
C ILE B 228 1.12 17.22 1.12
N GLY B 229 0.75 18.32 1.78
CA GLY B 229 1.32 18.67 3.07
C GLY B 229 0.23 18.69 4.13
N THR B 230 0.63 18.42 5.36
CA THR B 230 -0.27 18.47 6.50
C THR B 230 0.40 19.20 7.65
N ALA B 231 -0.42 19.81 8.50
CA ALA B 231 0.06 20.46 9.71
C ALA B 231 -0.98 20.23 10.79
N VAL B 232 -0.60 19.48 11.82
CA VAL B 232 -1.49 19.17 12.93
C VAL B 232 -1.09 20.04 14.11
N ALA B 233 -2.03 20.82 14.62
CA ALA B 233 -1.77 21.79 15.67
C ALA B 233 -2.49 21.40 16.94
N ASN B 234 -1.92 21.81 18.08
CA ASN B 234 -2.60 21.65 19.35
C ASN B 234 -3.72 22.69 19.46
N ALA B 235 -4.50 22.61 20.54
CA ALA B 235 -5.65 23.49 20.67
C ALA B 235 -5.23 24.96 20.73
N ARG B 236 -4.08 25.25 21.33
CA ARG B 236 -3.66 26.63 21.48
C ARG B 236 -3.47 27.32 20.13
N CYS B 237 -2.93 26.61 19.15
CA CYS B 237 -2.51 27.21 17.90
C CYS B 237 -3.43 26.92 16.73
N TRP B 238 -4.42 26.06 16.90
CA TRP B 238 -5.15 25.56 15.74
C TRP B 238 -5.85 26.67 14.98
N GLU B 239 -6.59 27.53 15.69
CA GLU B 239 -7.46 28.48 15.00
C GLU B 239 -6.65 29.49 14.18
N GLN B 240 -5.50 29.92 14.69
CA GLN B 240 -4.64 30.83 13.92
C GLN B 240 -4.07 30.13 12.70
N LEU B 241 -3.60 28.89 12.86
CA LEU B 241 -3.10 28.13 11.71
C LEU B 241 -4.19 27.97 10.66
N CYS B 242 -5.35 27.50 11.10
CA CYS B 242 -6.44 27.21 10.17
C CYS B 242 -6.86 28.44 9.39
N GLU B 243 -7.09 29.55 10.07
CA GLU B 243 -7.68 30.71 9.40
C GLU B 243 -6.65 31.45 8.55
N ASN B 244 -5.40 31.54 9.00
CA ASN B 244 -4.38 32.20 8.19
C ASN B 244 -3.97 31.36 7.00
N ALA B 245 -3.87 30.04 7.16
CA ALA B 245 -3.60 29.20 6.01
C ALA B 245 -4.75 29.28 5.00
N TYR B 246 -5.99 29.38 5.49
CA TYR B 246 -7.13 29.52 4.58
C TYR B 246 -7.13 30.84 3.85
N LEU B 247 -6.65 31.90 4.51
CA LEU B 247 -6.55 33.21 3.85
C LEU B 247 -5.56 33.18 2.71
N MET B 248 -4.59 32.26 2.75
CA MET B 248 -3.67 32.02 1.65
C MET B 248 -4.21 31.01 0.64
N GLY B 249 -5.47 30.59 0.81
CA GLY B 249 -6.08 29.66 -0.13
C GLY B 249 -5.53 28.24 -0.08
N GLN B 250 -4.92 27.84 1.02
CA GLN B 250 -4.25 26.55 1.06
C GLN B 250 -5.26 25.42 1.26
N MET B 251 -5.17 24.42 0.37
CA MET B 251 -6.01 23.24 0.40
C MET B 251 -5.32 22.16 -0.41
N ILE B 252 -5.87 20.94 -0.36
CA ILE B 252 -5.47 19.84 -1.22
C ILE B 252 -6.72 19.34 -1.92
N ASP B 253 -6.53 18.70 -3.07
CA ASP B 253 -7.67 18.16 -3.78
C ASP B 253 -8.22 16.91 -3.09
N ALA B 254 -9.50 16.65 -3.33
CA ALA B 254 -10.18 15.53 -2.65
C ALA B 254 -9.52 14.20 -2.98
N ASP B 255 -9.11 13.99 -4.23
CA ASP B 255 -8.56 12.68 -4.57
C ASP B 255 -7.25 12.42 -3.86
N THR B 256 -6.38 13.43 -3.75
CA THR B 256 -5.13 13.23 -3.01
C THR B 256 -5.41 13.04 -1.53
N ALA B 257 -6.43 13.71 -0.98
CA ALA B 257 -6.81 13.45 0.41
C ALA B 257 -7.21 12.00 0.58
N TYR B 258 -8.04 11.48 -0.34
CA TYR B 258 -8.41 10.07 -0.31
C TYR B 258 -7.18 9.18 -0.36
N MET B 259 -6.22 9.49 -1.24
N MET B 259 -6.22 9.49 -1.24
CA MET B 259 -5.04 8.66 -1.37
CA MET B 259 -5.05 8.63 -1.36
C MET B 259 -4.17 8.73 -0.13
C MET B 259 -4.16 8.72 -0.13
N THR B 260 -4.21 9.83 0.60
CA THR B 260 -3.44 9.93 1.84
C THR B 260 -4.07 9.09 2.94
N SER B 261 -5.39 9.17 3.10
CA SER B 261 -6.09 8.28 4.02
C SER B 261 -5.77 6.82 3.68
N ARG B 262 -5.77 6.49 2.40
CA ARG B 262 -5.51 5.14 1.95
C ARG B 262 -4.09 4.70 2.29
N GLY B 263 -3.14 5.62 2.15
CA GLY B 263 -1.76 5.29 2.50
C GLY B 263 -1.59 5.01 3.97
N LEU B 264 -2.33 5.72 4.82
CA LEU B 264 -2.26 5.46 6.25
C LEU B 264 -2.48 3.98 6.57
N ARG B 265 -3.33 3.31 5.80
CA ARG B 265 -3.78 1.98 6.18
C ARG B 265 -2.64 0.97 6.17
N THR B 266 -1.62 1.20 5.34
CA THR B 266 -0.47 0.29 5.25
C THR B 266 0.80 0.89 5.84
N LEU B 267 0.69 2.03 6.52
CA LEU B 267 1.88 2.75 6.93
C LEU B 267 2.70 1.94 7.93
N GLY B 268 2.04 1.19 8.81
CA GLY B 268 2.77 0.44 9.81
C GLY B 268 3.57 -0.70 9.21
N VAL B 269 2.91 -1.53 8.39
N VAL B 269 2.92 -1.50 8.36
CA VAL B 269 3.62 -2.63 7.76
CA VAL B 269 3.60 -2.64 7.76
C VAL B 269 4.78 -2.09 6.94
C VAL B 269 4.72 -2.17 6.83
N ARG B 270 4.54 -1.02 6.18
CA ARG B 270 5.61 -0.47 5.35
C ARG B 270 6.78 0.01 6.20
N LEU B 271 6.50 0.84 7.21
CA LEU B 271 7.59 1.39 8.01
C LEU B 271 8.41 0.29 8.67
N ARG B 272 7.77 -0.81 9.10
CA ARG B 272 8.55 -1.87 9.75
C ARG B 272 9.56 -2.46 8.77
N GLN B 273 9.19 -2.59 7.50
N GLN B 273 9.18 -2.56 7.49
CA GLN B 273 10.14 -3.12 6.52
CA GLN B 273 10.11 -3.11 6.50
C GLN B 273 11.23 -2.10 6.21
C GLN B 273 11.21 -2.11 6.16
N HIS B 274 10.85 -0.83 6.07
CA HIS B 274 11.85 0.20 5.81
C HIS B 274 12.88 0.27 6.94
N HIS B 275 12.41 0.15 8.19
CA HIS B 275 13.30 0.11 9.35
C HIS B 275 14.25 -1.08 9.25
N GLU B 276 13.69 -2.27 9.10
CA GLU B 276 14.50 -3.48 9.09
C GLU B 276 15.53 -3.44 7.97
N SER B 277 15.08 -3.10 6.76
CA SER B 277 16.00 -3.12 5.62
C SER B 277 17.05 -2.02 5.73
N SER B 278 16.65 -0.80 6.09
CA SER B 278 17.61 0.29 6.07
C SER B 278 18.66 0.13 7.16
N LEU B 279 18.28 -0.39 8.33
CA LEU B 279 19.27 -0.60 9.38
C LEU B 279 20.26 -1.68 8.99
N ARG B 280 19.79 -2.75 8.34
CA ARG B 280 20.70 -3.75 7.82
C ARG B 280 21.69 -3.14 6.85
N VAL B 281 21.21 -2.33 5.91
CA VAL B 281 22.10 -1.69 4.94
C VAL B 281 23.10 -0.80 5.68
N ALA B 282 22.61 0.00 6.62
CA ALA B 282 23.50 0.92 7.35
C ALA B 282 24.56 0.16 8.12
N GLU B 283 24.19 -0.96 8.74
CA GLU B 283 25.17 -1.75 9.49
C GLU B 283 26.27 -2.27 8.56
N TRP B 284 25.89 -2.69 7.36
CA TRP B 284 26.87 -3.14 6.37
C TRP B 284 27.77 -1.99 5.94
N LEU B 285 27.17 -0.84 5.63
CA LEU B 285 27.96 0.31 5.22
C LEU B 285 28.95 0.73 6.31
N ALA B 286 28.53 0.60 7.57
CA ALA B 286 29.38 1.05 8.67
C ALA B 286 30.60 0.16 8.84
N GLN B 287 30.59 -1.04 8.25
CA GLN B 287 31.74 -1.93 8.25
C GLN B 287 32.52 -1.86 6.95
N HIS B 288 32.21 -0.89 6.09
CA HIS B 288 32.73 -1.00 4.73
C HIS B 288 33.97 -0.14 4.53
N PRO B 289 35.01 -0.67 3.90
CA PRO B 289 36.25 0.11 3.73
C PRO B 289 36.08 1.39 2.94
N GLN B 290 35.06 1.51 2.10
CA GLN B 290 34.90 2.70 1.28
C GLN B 290 33.92 3.70 1.88
N VAL B 291 33.48 3.48 3.11
CA VAL B 291 32.55 4.36 3.80
C VAL B 291 33.27 5.03 4.96
N ALA B 292 33.14 6.36 5.04
CA ALA B 292 33.76 7.13 6.12
C ALA B 292 32.83 7.34 7.30
N ARG B 293 31.53 7.49 7.05
N ARG B 293 31.54 7.51 7.05
CA ARG B 293 30.56 7.77 8.11
CA ARG B 293 30.56 7.76 8.11
C ARG B 293 29.20 7.30 7.64
C ARG B 293 29.20 7.26 7.64
N VAL B 294 28.36 6.89 8.59
CA VAL B 294 26.98 6.50 8.31
C VAL B 294 26.08 7.34 9.20
N ASN B 295 25.11 8.02 8.59
CA ASN B 295 24.15 8.86 9.29
C ASN B 295 22.80 8.13 9.25
N HIS B 296 22.56 7.29 10.26
CA HIS B 296 21.27 6.61 10.40
C HIS B 296 20.84 6.77 11.85
N PRO B 297 19.71 7.40 12.13
CA PRO B 297 19.33 7.62 13.55
C PRO B 297 19.27 6.35 14.37
N ALA B 298 18.92 5.22 13.75
CA ALA B 298 18.81 3.95 14.46
C ALA B 298 20.14 3.23 14.59
N LEU B 299 21.23 3.78 14.04
CA LEU B 299 22.53 3.13 14.11
C LEU B 299 23.31 3.69 15.28
N PRO B 300 23.70 2.86 16.25
CA PRO B 300 24.55 3.37 17.34
C PRO B 300 25.74 4.14 16.81
N GLY B 301 25.96 5.33 17.38
CA GLY B 301 27.04 6.20 16.99
C GLY B 301 26.65 7.40 16.15
N SER B 302 25.50 7.34 15.49
CA SER B 302 25.04 8.44 14.65
C SER B 302 24.67 9.64 15.54
N LYS B 303 24.78 10.84 14.97
CA LYS B 303 24.53 12.05 15.76
C LYS B 303 23.09 12.06 16.27
N GLY B 304 22.93 12.12 17.58
CA GLY B 304 21.62 12.13 18.20
C GLY B 304 20.98 10.78 18.36
N HIS B 305 21.71 9.70 18.07
CA HIS B 305 21.12 8.36 18.14
C HIS B 305 20.48 8.11 19.50
N GLU B 306 21.18 8.47 20.58
CA GLU B 306 20.63 8.21 21.91
C GLU B 306 19.27 8.86 22.08
N PHE B 307 19.05 10.02 21.45
CA PHE B 307 17.75 10.66 21.52
C PHE B 307 16.72 9.90 20.69
N TRP B 308 17.13 9.36 19.54
CA TRP B 308 16.22 8.56 18.74
C TRP B 308 15.77 7.33 19.52
N LYS B 309 16.72 6.64 20.14
CA LYS B 309 16.41 5.46 20.94
C LYS B 309 15.44 5.78 22.07
N ARG B 310 15.56 6.98 22.64
CA ARG B 310 14.73 7.35 23.78
C ARG B 310 13.36 7.88 23.36
N ASP B 311 13.30 8.64 22.27
CA ASP B 311 12.12 9.45 21.97
C ASP B 311 11.28 8.94 20.81
N PHE B 312 11.81 8.04 19.97
CA PHE B 312 11.09 7.52 18.81
C PHE B 312 10.63 6.09 19.08
N SER B 313 9.56 5.67 18.41
CA SER B 313 9.07 4.31 18.53
C SER B 313 9.49 3.42 17.35
N GLY B 314 10.36 3.93 16.49
CA GLY B 314 10.82 3.17 15.35
C GLY B 314 11.59 4.08 14.42
N SER B 315 11.97 3.50 13.27
CA SER B 315 12.72 4.21 12.25
C SER B 315 12.02 4.05 10.90
N SER B 316 12.29 4.98 10.01
CA SER B 316 11.89 4.81 8.63
C SER B 316 13.11 4.35 7.82
N GLY B 317 13.08 4.52 6.50
CA GLY B 317 14.09 3.97 5.62
C GLY B 317 15.04 4.95 4.97
N LEU B 318 15.01 6.21 5.36
CA LEU B 318 15.84 7.25 4.77
C LEU B 318 17.05 7.51 5.66
N PHE B 319 18.25 7.37 5.08
CA PHE B 319 19.48 7.70 5.80
C PHE B 319 20.52 8.11 4.77
N SER B 320 21.76 8.31 5.22
CA SER B 320 22.81 8.74 4.32
C SER B 320 24.15 8.23 4.83
N PHE B 321 25.14 8.24 3.95
CA PHE B 321 26.48 7.85 4.34
C PHE B 321 27.47 8.69 3.55
N VAL B 322 28.68 8.79 4.07
CA VAL B 322 29.75 9.57 3.46
C VAL B 322 30.75 8.62 2.84
N LEU B 323 31.10 8.87 1.59
CA LEU B 323 32.15 8.12 0.92
C LEU B 323 33.52 8.57 1.41
N ASN B 324 34.54 7.78 1.07
CA ASN B 324 35.91 8.11 1.40
C ASN B 324 36.47 9.26 0.58
N LYS B 325 35.71 9.84 -0.34
CA LYS B 325 36.29 10.87 -1.21
C LYS B 325 35.19 11.73 -1.81
N ARG B 326 35.60 12.94 -2.19
CA ARG B 326 34.77 13.86 -2.99
C ARG B 326 34.89 13.41 -4.44
N LEU B 327 33.93 12.58 -4.86
CA LEU B 327 33.86 12.10 -6.23
C LEU B 327 33.83 13.25 -7.23
N THR B 328 34.62 13.10 -8.28
CA THR B 328 34.52 14.00 -9.43
C THR B 328 33.21 13.75 -10.17
N ASP B 329 32.91 14.66 -11.09
CA ASP B 329 31.77 14.44 -11.98
C ASP B 329 31.87 13.10 -12.69
N ALA B 330 33.09 12.75 -13.15
CA ALA B 330 33.24 11.50 -13.90
C ALA B 330 33.02 10.29 -13.02
N GLU B 331 33.56 10.29 -11.80
CA GLU B 331 33.33 9.20 -10.86
C GLU B 331 31.87 9.11 -10.45
N LEU B 332 31.23 10.27 -10.26
CA LEU B 332 29.83 10.28 -9.85
C LEU B 332 28.94 9.66 -10.92
N ALA B 333 29.29 9.85 -12.18
CA ALA B 333 28.52 9.24 -13.27
C ALA B 333 28.74 7.74 -13.31
N ALA B 334 30.00 7.31 -13.22
CA ALA B 334 30.30 5.88 -13.18
C ALA B 334 29.54 5.20 -12.05
N TYR B 335 29.45 5.86 -10.90
CA TYR B 335 28.73 5.32 -9.75
C TYR B 335 27.22 5.34 -10.00
N LEU B 336 26.65 6.53 -10.19
CA LEU B 336 25.20 6.65 -10.15
C LEU B 336 24.50 6.20 -11.42
N ASP B 337 25.17 6.26 -12.58
CA ASP B 337 24.49 5.97 -13.84
C ASP B 337 24.21 4.48 -14.03
N ASN B 338 24.85 3.62 -13.25
CA ASN B 338 24.90 2.20 -13.56
C ASN B 338 24.33 1.33 -12.44
N PHE B 339 23.56 1.90 -11.53
CA PHE B 339 22.80 1.08 -10.59
C PHE B 339 21.68 0.36 -11.33
N SER B 340 21.37 -0.85 -10.87
CA SER B 340 20.28 -1.62 -11.47
C SER B 340 18.96 -1.45 -10.74
N LEU B 341 18.99 -1.21 -9.43
CA LEU B 341 17.77 -1.09 -8.63
C LEU B 341 17.56 0.32 -8.09
N PHE B 342 18.55 0.90 -7.43
CA PHE B 342 18.41 2.27 -6.95
C PHE B 342 18.16 3.20 -8.13
N SER B 343 17.16 4.06 -7.99
CA SER B 343 16.87 5.10 -8.97
C SER B 343 17.33 6.46 -8.44
N MET B 344 17.88 7.27 -9.34
CA MET B 344 18.25 8.65 -9.02
C MET B 344 17.04 9.55 -9.15
N ALA B 345 16.59 10.12 -8.04
CA ALA B 345 15.42 10.98 -8.02
C ALA B 345 15.37 11.70 -6.69
N TYR B 346 14.61 12.78 -6.65
CA TYR B 346 14.27 13.43 -5.40
C TYR B 346 13.06 12.76 -4.76
N SER B 347 12.73 13.23 -3.56
CA SER B 347 11.68 12.65 -2.72
C SER B 347 12.08 11.28 -2.21
N TRP B 348 11.16 10.61 -1.51
CA TRP B 348 11.45 9.39 -0.78
C TRP B 348 10.18 8.94 -0.09
N GLY B 349 10.25 7.85 0.67
CA GLY B 349 9.08 7.35 1.37
C GLY B 349 8.22 6.38 0.59
N GLY B 350 8.64 5.98 -0.59
CA GLY B 350 7.87 5.08 -1.43
C GLY B 350 8.39 3.66 -1.38
N PHE B 351 7.94 2.86 -2.32
CA PHE B 351 8.40 1.47 -2.41
C PHE B 351 9.71 1.33 -3.18
N GLU B 352 10.07 2.32 -3.97
CA GLU B 352 11.29 2.31 -4.77
C GLU B 352 12.46 2.80 -3.95
N SER B 353 13.57 2.07 -4.01
CA SER B 353 14.80 2.57 -3.42
C SER B 353 15.38 3.68 -4.29
N LEU B 354 15.83 4.75 -3.65
CA LEU B 354 16.34 5.92 -4.34
C LEU B 354 17.73 6.24 -3.85
N ILE B 355 18.51 6.90 -4.70
CA ILE B 355 19.87 7.30 -4.37
C ILE B 355 20.07 8.73 -4.85
N LEU B 356 20.76 9.53 -4.02
CA LEU B 356 20.97 10.94 -4.30
C LEU B 356 22.31 11.35 -3.69
N ALA B 357 23.13 12.04 -4.47
CA ALA B 357 24.45 12.47 -4.04
C ALA B 357 24.45 13.96 -3.74
N ASN B 358 25.20 14.34 -2.71
CA ASN B 358 25.39 15.73 -2.33
C ASN B 358 26.87 15.95 -2.09
N GLN B 359 27.44 16.94 -2.72
CA GLN B 359 28.86 17.20 -2.51
C GLN B 359 29.05 17.88 -1.15
N PRO B 360 30.11 17.53 -0.41
CA PRO B 360 30.32 18.16 0.89
C PRO B 360 30.19 19.67 0.85
N GLU B 361 30.70 20.31 -0.22
CA GLU B 361 30.55 21.75 -0.34
C GLU B 361 29.10 22.15 -0.57
N HIS B 362 28.32 21.31 -1.25
CA HIS B 362 26.89 21.59 -1.40
C HIS B 362 26.18 21.59 -0.05
N ILE B 363 26.54 20.63 0.81
CA ILE B 363 25.98 20.58 2.16
C ILE B 363 26.41 21.79 2.96
N ALA B 364 27.70 22.16 2.88
CA ALA B 364 28.16 23.34 3.59
C ALA B 364 27.31 24.55 3.24
N ALA B 365 26.91 24.66 1.97
CA ALA B 365 26.15 25.81 1.51
C ALA B 365 24.73 25.85 2.05
N ILE B 366 24.21 24.76 2.63
CA ILE B 366 22.87 24.79 3.20
C ILE B 366 22.92 24.54 4.70
N ARG B 367 24.04 24.90 5.34
CA ARG B 367 24.23 24.78 6.78
C ARG B 367 24.61 26.16 7.29
N PRO B 368 23.66 27.08 7.39
CA PRO B 368 24.00 28.48 7.70
C PRO B 368 24.66 28.61 9.07
N GLU B 369 25.70 29.45 9.12
CA GLU B 369 26.41 29.76 10.36
C GLU B 369 26.91 28.49 11.05
N ALA B 370 27.16 27.45 10.26
CA ALA B 370 27.72 26.20 10.76
C ALA B 370 28.83 25.74 9.82
N GLU B 371 29.54 24.70 10.25
CA GLU B 371 30.69 24.18 9.53
C GLU B 371 30.50 22.69 9.30
N VAL B 372 30.65 22.24 8.04
CA VAL B 372 30.54 20.83 7.74
C VAL B 372 31.79 20.12 8.24
N ASP B 373 31.62 18.90 8.74
CA ASP B 373 32.71 18.14 9.36
C ASP B 373 33.03 16.89 8.56
N PHE B 374 32.78 16.92 7.26
CA PHE B 374 33.15 15.85 6.36
C PHE B 374 33.54 16.48 5.03
N SER B 375 34.35 15.74 4.26
CA SER B 375 34.81 16.20 2.96
C SER B 375 34.54 15.21 1.84
N GLY B 376 33.99 14.04 2.14
CA GLY B 376 33.61 13.10 1.10
C GLY B 376 32.20 13.36 0.59
N THR B 377 31.90 12.76 -0.55
CA THR B 377 30.56 12.92 -1.12
CA THR B 377 30.56 12.90 -1.12
C THR B 377 29.54 12.21 -0.23
N LEU B 378 28.43 12.89 0.03
CA LEU B 378 27.36 12.37 0.86
C LEU B 378 26.32 11.70 -0.03
N ILE B 379 26.05 10.42 0.22
CA ILE B 379 25.05 9.66 -0.51
C ILE B 379 23.84 9.48 0.39
N ARG B 380 22.69 9.99 -0.04
CA ARG B 380 21.45 9.75 0.68
C ARG B 380 20.70 8.60 0.01
N LEU B 381 20.34 7.60 0.81
CA LEU B 381 19.59 6.45 0.33
C LEU B 381 18.19 6.45 0.92
N HIS B 382 17.20 6.19 0.08
CA HIS B 382 15.92 5.72 0.56
C HIS B 382 15.85 4.22 0.32
N ILE B 383 15.69 3.44 1.38
CA ILE B 383 15.60 1.99 1.27
C ILE B 383 14.12 1.63 1.14
N GLY B 384 13.75 1.11 -0.03
CA GLY B 384 12.38 0.73 -0.33
C GLY B 384 12.06 -0.70 0.07
N LEU B 385 11.14 -1.31 -0.67
CA LEU B 385 10.59 -2.61 -0.32
C LEU B 385 11.23 -3.75 -1.10
N GLU B 386 12.33 -3.50 -1.79
CA GLU B 386 13.01 -4.57 -2.51
C GLU B 386 13.71 -5.52 -1.52
N ASN B 387 14.04 -6.71 -2.02
N ASN B 387 14.05 -6.70 -2.02
CA ASN B 387 14.84 -7.65 -1.25
CA ASN B 387 14.82 -7.67 -1.23
C ASN B 387 16.14 -6.99 -0.84
C ASN B 387 16.17 -7.06 -0.83
N VAL B 388 16.42 -7.00 0.47
CA VAL B 388 17.56 -6.22 0.96
C VAL B 388 18.88 -6.75 0.40
N ASP B 389 18.98 -8.06 0.15
CA ASP B 389 20.23 -8.59 -0.39
C ASP B 389 20.47 -8.10 -1.81
N ASP B 390 19.41 -7.95 -2.61
CA ASP B 390 19.56 -7.37 -3.94
C ASP B 390 20.06 -5.94 -3.85
N LEU B 391 19.55 -5.17 -2.89
CA LEU B 391 20.02 -3.79 -2.73
C LEU B 391 21.48 -3.75 -2.32
N LEU B 392 21.89 -4.63 -1.41
CA LEU B 392 23.29 -4.67 -1.02
C LEU B 392 24.17 -5.02 -2.22
N ALA B 393 23.74 -5.97 -3.04
CA ALA B 393 24.51 -6.31 -4.25
C ALA B 393 24.64 -5.11 -5.17
N ASP B 394 23.56 -4.32 -5.30
CA ASP B 394 23.60 -3.11 -6.12
C ASP B 394 24.60 -2.11 -5.56
N LEU B 395 24.57 -1.89 -4.23
CA LEU B 395 25.52 -0.98 -3.61
C LEU B 395 26.96 -1.49 -3.77
N ALA B 396 27.15 -2.81 -3.66
CA ALA B 396 28.49 -3.36 -3.79
C ALA B 396 29.04 -3.15 -5.19
N ALA B 397 28.20 -3.36 -6.22
CA ALA B 397 28.62 -3.09 -7.58
C ALA B 397 29.00 -1.62 -7.74
N GLY B 398 28.24 -0.72 -7.12
CA GLY B 398 28.60 0.69 -7.15
C GLY B 398 29.96 0.96 -6.55
N PHE B 399 30.24 0.36 -5.38
CA PHE B 399 31.55 0.56 -4.76
C PHE B 399 32.66 0.09 -5.69
N ALA B 400 32.47 -1.03 -6.38
CA ALA B 400 33.50 -1.55 -7.26
C ALA B 400 33.76 -0.63 -8.45
N ARG B 401 32.76 0.14 -8.87
CA ARG B 401 32.95 1.05 -9.98
C ARG B 401 33.80 2.26 -9.62
N ILE B 402 34.04 2.50 -8.34
CA ILE B 402 34.74 3.70 -7.90
C ILE B 402 35.93 3.37 -7.01
N VAL B 403 36.26 2.09 -6.89
CA VAL B 403 37.35 1.69 -6.01
C VAL B 403 38.68 2.14 -6.62
#